data_5T8I
#
_entry.id   5T8I
#
_cell.length_a   64.045
_cell.length_b   142.197
_cell.length_c   222.59
_cell.angle_alpha   90.0
_cell.angle_beta   90.0
_cell.angle_gamma   90.0
#
_symmetry.space_group_name_H-M   'C 2 2 21'
#
loop_
_entity.id
_entity.type
_entity.pdbx_description
1 polymer 'Phosphatidylinositol 4,5-bisphosphate 3-kinase catalytic subunit delta isoform'
2 non-polymer 2,4-diamino-6-{[(S)-[5-chloro-8-fluoro-4-oxo-3-(pyridin-3-yl)-3,4-dihydroquinazolin-2-yl](cyclopropyl)methyl]amino}pyrimidine-5-carbonitrile
#
_entity_poly.entity_id   1
_entity_poly.type   'polypeptide(L)'
_entity_poly.pdbx_seq_one_letter_code
;GDRVKKLINSQISLLIGKGLHEFDSLRDPEVNDFRTKMRQFCEEAAAHRQQLGWVEWLQYSFPLQLEPSARGWRAGLLRV
SNRALLVNVKFEGSEESFTFQVSTKDMPLALMACALRKKATVFRQPLVEQPEEYALQVNGRHEYLYGNYPLCHFQYICSC
LHSGLTPHLTMVHSSSILAMRDEQSNPAPQVQKPRAKPPPIPAKKPSSVSLWSLEQPFSIELIEGRKVNADERMKLVVQA
GLFHGNEMLCKTVSSSEVNVCSEPVWKQRLEFDISVCDLPRMARLCFALYAVVEKAKKARSTKKKSKKADCPIAWANLML
FDYKDQLKTGERCLYMWPSVPDEKGELLNPAGTVRGNPNTESAAALVIYLPEVAPHPVYFPALEKILELGRHGERGRITE
EEQLQLREILERRGSGELYEHEKDLVWKMRHEVQEHFPEALARLLLVTKWNKHEDVAQMLYLLCSWPELPVLSALELLDF
SFPDCYVGSFAIKSLRKLTDDELFQYLLQLVQVLKYESYLDCELTKFLLGRALANRKIGHFLFWHLRSEMHVPSVALRFG
LIMEAYCRGSTHHMKVLMKQGEALSKLKALNDFVKVSSQKTTKPQTKEMMHMCMRQETYMEALSHLQSPLDPSTLLEEVC
VEQCTFMDSKMKPLWIMYSSEEAGSAGNVGIIFKNGDDLRQDMLTLQMIQLMDVLWKQEGLDLRMTPYGCLPTGDRTGLI
EVVLHSDTIANIQLNKSNMAATAAFNKDALLNWLKSKNPGEALDRAIEEFTLSCAGYCVATYVLGIGDRHSDNIMIRESG
QLFHIDFGHFLGNFKTKFGINRERVPFILTYDFVHVIQQGKTNNSEKFERFRGYCERAYTILRRHGLLFLHLFALMRAAG
LPELSCSKDIQYLKDSLALGKTEEEALKHFRVKFNEALRESWKTKVNWLAHNVSKDNRQ
;
_entity_poly.pdbx_strand_id   A
#
loop_
_chem_comp.id
_chem_comp.type
_chem_comp.name
_chem_comp.formula
77C non-polymer 2,4-diamino-6-{[(S)-[5-chloro-8-fluoro-4-oxo-3-(pyridin-3-yl)-3,4-dihydroquinazolin-2-yl](cyclopropyl)methyl]amino}pyrimidine-5-carbonitrile 'C22 H17 Cl F N9 O'
#
# COMPACT_ATOMS: atom_id res chain seq x y z
N VAL A 4 34.18 -9.02 -10.00
CA VAL A 4 33.39 -9.92 -10.86
C VAL A 4 31.90 -9.68 -10.57
N LYS A 5 31.16 -10.73 -10.24
CA LYS A 5 29.72 -10.63 -9.99
C LYS A 5 29.43 -10.40 -8.51
N LYS A 6 30.46 -10.03 -7.75
CA LYS A 6 30.33 -9.87 -6.31
C LYS A 6 29.79 -8.49 -5.95
N LEU A 7 30.08 -7.50 -6.78
CA LEU A 7 29.64 -6.12 -6.52
C LEU A 7 28.12 -6.06 -6.45
N ILE A 8 27.46 -6.78 -7.36
CA ILE A 8 25.99 -6.83 -7.38
C ILE A 8 25.46 -7.38 -6.06
N ASN A 9 26.00 -8.51 -5.62
CA ASN A 9 25.55 -9.14 -4.39
C ASN A 9 25.76 -8.23 -3.18
N SER A 10 26.81 -7.42 -3.22
CA SER A 10 27.06 -6.46 -2.15
C SER A 10 26.07 -5.29 -2.25
N GLN A 11 25.84 -4.83 -3.46
CA GLN A 11 24.86 -3.77 -3.72
C GLN A 11 23.48 -4.19 -3.24
N ILE A 12 23.11 -5.43 -3.53
CA ILE A 12 21.83 -5.97 -3.10
C ILE A 12 21.77 -6.03 -1.57
N SER A 13 22.83 -6.53 -0.96
CA SER A 13 22.91 -6.66 0.50
C SER A 13 22.70 -5.30 1.17
N LEU A 14 23.40 -4.28 0.66
CA LEU A 14 23.26 -2.92 1.19
C LEU A 14 21.85 -2.40 0.99
N LEU A 15 21.31 -2.61 -0.21
CA LEU A 15 19.98 -2.11 -0.56
C LEU A 15 18.89 -2.70 0.34
N ILE A 16 18.79 -4.02 0.35
CA ILE A 16 17.72 -4.70 1.09
C ILE A 16 17.96 -4.63 2.60
N GLY A 17 19.19 -4.32 2.98
CA GLY A 17 19.55 -4.10 4.37
C GLY A 17 19.82 -5.39 5.14
N LYS A 18 20.30 -6.40 4.42
CA LYS A 18 20.64 -7.67 5.05
C LYS A 18 21.54 -8.49 4.13
N GLY A 19 22.61 -9.03 4.71
CA GLY A 19 23.57 -9.81 3.94
C GLY A 19 22.94 -11.05 3.32
N LEU A 20 23.38 -11.40 2.12
CA LEU A 20 22.90 -12.60 1.45
C LEU A 20 23.63 -13.82 1.99
N HIS A 21 24.75 -13.59 2.68
CA HIS A 21 25.45 -14.64 3.38
C HIS A 21 24.58 -15.14 4.54
N GLU A 22 23.69 -14.28 5.03
CA GLU A 22 22.80 -14.64 6.12
C GLU A 22 21.74 -15.63 5.66
N PHE A 23 21.34 -15.52 4.39
CA PHE A 23 20.44 -16.50 3.79
C PHE A 23 21.14 -17.84 3.68
N ASP A 24 22.42 -17.80 3.29
CA ASP A 24 23.23 -19.01 3.17
C ASP A 24 23.40 -19.71 4.50
N SER A 25 23.59 -18.93 5.56
CA SER A 25 23.87 -19.48 6.88
C SER A 25 22.70 -20.26 7.47
N LEU A 26 21.56 -20.26 6.77
CA LEU A 26 20.37 -20.93 7.27
C LEU A 26 20.38 -22.43 6.96
N ARG A 27 21.02 -22.80 5.85
CA ARG A 27 21.04 -24.18 5.37
C ARG A 27 19.60 -24.71 5.22
N ASP A 28 18.70 -23.83 4.84
CA ASP A 28 17.29 -24.18 4.65
C ASP A 28 17.04 -24.51 3.18
N PRO A 29 16.55 -25.73 2.89
CA PRO A 29 16.32 -26.06 1.47
C PRO A 29 15.21 -25.23 0.85
N GLU A 30 14.23 -24.83 1.65
CA GLU A 30 13.13 -23.99 1.16
C GLU A 30 13.65 -22.65 0.67
N VAL A 31 14.47 -22.00 1.51
CA VAL A 31 15.06 -20.71 1.17
C VAL A 31 15.86 -20.80 -0.12
N ASN A 32 16.70 -21.83 -0.23
CA ASN A 32 17.58 -21.99 -1.37
C ASN A 32 16.81 -22.35 -2.65
N ASP A 33 15.71 -23.06 -2.49
CA ASP A 33 14.86 -23.40 -3.64
C ASP A 33 14.08 -22.18 -4.11
N PHE A 34 13.85 -21.24 -3.21
CA PHE A 34 13.20 -19.99 -3.56
C PHE A 34 14.17 -19.07 -4.30
N ARG A 35 15.37 -18.95 -3.76
CA ARG A 35 16.38 -18.06 -4.34
C ARG A 35 16.86 -18.53 -5.70
N THR A 36 16.62 -19.80 -6.02
CA THR A 36 17.02 -20.36 -7.30
C THR A 36 15.86 -20.32 -8.29
N LYS A 37 14.67 -20.66 -7.83
CA LYS A 37 13.49 -20.69 -8.68
C LYS A 37 13.07 -19.30 -9.13
N MET A 38 13.10 -18.34 -8.19
CA MET A 38 12.65 -16.99 -8.49
C MET A 38 13.73 -16.20 -9.22
N ARG A 39 14.99 -16.61 -9.07
CA ARG A 39 16.08 -15.93 -9.77
C ARG A 39 15.93 -16.10 -11.28
N GLN A 40 15.81 -17.34 -11.72
CA GLN A 40 15.62 -17.62 -13.15
C GLN A 40 14.31 -17.01 -13.63
N PHE A 41 13.32 -16.95 -12.74
CA PHE A 41 12.05 -16.32 -13.05
C PHE A 41 12.23 -14.83 -13.33
N CYS A 42 13.00 -14.18 -12.47
CA CYS A 42 13.23 -12.74 -12.60
C CYS A 42 14.24 -12.44 -13.70
N GLU A 43 15.12 -13.40 -13.97
CA GLU A 43 16.11 -13.23 -15.04
C GLU A 43 15.46 -13.37 -16.41
N GLU A 44 14.52 -14.30 -16.52
CA GLU A 44 13.77 -14.48 -17.77
C GLU A 44 12.94 -13.25 -18.07
N ALA A 45 12.41 -12.62 -17.02
CA ALA A 45 11.60 -11.42 -17.16
C ALA A 45 12.45 -10.25 -17.67
N ALA A 46 13.72 -10.24 -17.28
CA ALA A 46 14.64 -9.18 -17.69
C ALA A 46 15.03 -9.35 -19.16
N ALA A 47 15.07 -10.59 -19.62
CA ALA A 47 15.38 -10.87 -21.01
C ALA A 47 14.24 -10.41 -21.89
N HIS A 48 13.00 -10.69 -21.47
CA HIS A 48 11.81 -10.24 -22.19
C HIS A 48 11.86 -8.73 -22.42
N ARG A 49 12.26 -8.00 -21.38
CA ARG A 49 12.25 -6.54 -21.39
C ARG A 49 13.10 -5.96 -22.51
N GLN A 50 14.32 -6.47 -22.66
CA GLN A 50 15.28 -5.90 -23.60
C GLN A 50 14.87 -6.13 -25.05
N GLN A 51 13.82 -6.92 -25.25
CA GLN A 51 13.30 -7.20 -26.59
C GLN A 51 12.12 -6.31 -26.96
N LEU A 52 11.50 -5.72 -25.94
CA LEU A 52 10.35 -4.83 -26.14
C LEU A 52 10.66 -3.74 -27.15
N GLY A 53 9.65 -3.35 -27.92
CA GLY A 53 9.77 -2.20 -28.81
C GLY A 53 9.99 -0.95 -27.98
N TRP A 54 10.49 0.10 -28.61
CA TRP A 54 10.86 1.31 -27.87
C TRP A 54 9.63 1.95 -27.21
N VAL A 55 8.45 1.67 -27.75
CA VAL A 55 7.21 2.16 -27.14
C VAL A 55 6.81 1.26 -25.98
N GLU A 56 6.95 -0.06 -26.18
CA GLU A 56 6.64 -1.01 -25.13
C GLU A 56 7.58 -0.84 -23.94
N TRP A 57 8.76 -0.29 -24.19
CA TRP A 57 9.73 -0.05 -23.13
C TRP A 57 9.42 1.25 -22.39
N LEU A 58 8.81 2.21 -23.07
CA LEU A 58 8.33 3.42 -22.42
C LEU A 58 7.28 3.07 -21.38
N GLN A 59 6.42 2.11 -21.72
CA GLN A 59 5.35 1.68 -20.82
C GLN A 59 5.91 1.03 -19.56
N TYR A 60 7.04 0.36 -19.69
CA TYR A 60 7.67 -0.29 -18.55
C TYR A 60 8.29 0.73 -17.61
N SER A 61 9.16 1.57 -18.15
CA SER A 61 9.91 2.54 -17.35
C SER A 61 9.09 3.77 -17.02
N PHE A 62 8.23 4.18 -17.94
CA PHE A 62 7.41 5.38 -17.77
C PHE A 62 5.93 5.10 -18.03
N PRO A 63 5.29 4.32 -17.14
CA PRO A 63 3.86 4.04 -17.31
C PRO A 63 3.02 5.31 -17.36
N LEU A 64 2.11 5.40 -18.32
CA LEU A 64 1.27 6.57 -18.48
C LEU A 64 0.47 6.86 -17.22
N GLN A 65 0.53 8.11 -16.78
CA GLN A 65 -0.20 8.57 -15.61
C GLN A 65 -1.40 9.37 -16.06
N LEU A 66 -2.55 8.71 -16.12
CA LEU A 66 -3.76 9.29 -16.70
C LEU A 66 -4.79 9.67 -15.65
N GLU A 67 -5.86 10.31 -16.10
CA GLU A 67 -6.96 10.71 -15.22
C GLU A 67 -8.04 9.64 -15.21
N PRO A 68 -8.79 9.53 -14.10
CA PRO A 68 -9.93 8.60 -14.09
C PRO A 68 -11.08 9.07 -14.96
N ASN A 82 -12.09 21.77 -28.48
CA ASN A 82 -13.13 22.19 -27.54
C ASN A 82 -12.60 23.20 -26.49
N ARG A 83 -11.35 23.04 -26.08
CA ARG A 83 -10.74 23.90 -25.06
C ARG A 83 -9.28 24.12 -25.40
N ALA A 84 -8.97 25.31 -25.91
CA ALA A 84 -7.61 25.61 -26.34
C ALA A 84 -6.61 25.52 -25.19
N LEU A 85 -5.35 25.36 -25.54
CA LEU A 85 -4.29 25.14 -24.56
C LEU A 85 -2.91 25.53 -25.12
N LEU A 86 -2.08 26.13 -24.26
CA LEU A 86 -0.76 26.60 -24.66
C LEU A 86 0.34 25.61 -24.28
N VAL A 87 1.05 25.10 -25.28
CA VAL A 87 2.15 24.16 -25.05
C VAL A 87 3.48 24.79 -25.44
N ASN A 88 4.54 24.33 -24.77
CA ASN A 88 5.91 24.68 -25.12
C ASN A 88 6.72 23.43 -25.40
N VAL A 89 7.24 23.32 -26.62
CA VAL A 89 8.00 22.14 -27.04
C VAL A 89 9.41 22.52 -27.46
N LYS A 90 10.38 21.74 -26.98
CA LYS A 90 11.78 21.89 -27.36
C LYS A 90 12.34 20.52 -27.73
N PHE A 91 13.42 20.50 -28.49
CA PHE A 91 14.08 19.25 -28.87
C PHE A 91 15.30 19.03 -27.99
N GLU A 92 16.02 17.93 -28.22
CA GLU A 92 17.09 17.52 -27.33
C GLU A 92 18.37 18.32 -27.51
N GLY A 93 18.98 18.24 -28.69
CA GLY A 93 20.24 18.90 -28.97
C GLY A 93 20.22 20.38 -28.65
N SER A 94 19.46 21.13 -29.44
CA SER A 94 19.32 22.58 -29.22
C SER A 94 18.36 22.84 -28.07
N GLU A 95 18.67 23.87 -27.28
CA GLU A 95 17.79 24.29 -26.20
C GLU A 95 16.71 25.24 -26.72
N GLU A 96 16.70 25.47 -28.03
CA GLU A 96 15.69 26.31 -28.64
C GLU A 96 14.30 25.71 -28.47
N SER A 97 13.30 26.57 -28.29
CA SER A 97 11.94 26.15 -27.97
C SER A 97 10.93 26.69 -28.96
N PHE A 98 9.74 26.09 -28.94
CA PHE A 98 8.61 26.56 -29.75
C PHE A 98 7.34 26.53 -28.92
N THR A 99 6.52 27.57 -29.05
CA THR A 99 5.28 27.69 -28.30
C THR A 99 4.08 27.60 -29.24
N PHE A 100 3.33 26.50 -29.13
CA PHE A 100 2.18 26.27 -29.99
C PHE A 100 0.86 26.61 -29.31
N GLN A 101 -0.23 26.44 -30.05
CA GLN A 101 -1.57 26.48 -29.50
C GLN A 101 -2.33 25.26 -29.99
N VAL A 102 -2.60 24.34 -29.07
CA VAL A 102 -3.37 23.13 -29.38
C VAL A 102 -4.60 23.08 -28.50
N SER A 103 -5.46 22.10 -28.79
CA SER A 103 -6.65 21.86 -27.99
C SER A 103 -6.41 20.73 -27.00
N THR A 104 -7.15 20.74 -25.90
CA THR A 104 -7.17 19.61 -24.99
C THR A 104 -7.68 18.37 -25.73
N LYS A 105 -8.39 18.61 -26.82
CA LYS A 105 -8.90 17.57 -27.70
C LYS A 105 -7.79 16.73 -28.32
N ASP A 106 -6.78 17.40 -28.87
CA ASP A 106 -5.77 16.76 -29.70
C ASP A 106 -5.00 15.62 -29.03
N MET A 107 -4.62 14.63 -29.84
CA MET A 107 -3.75 13.55 -29.39
C MET A 107 -2.32 14.07 -29.34
N PRO A 108 -1.41 13.31 -28.71
CA PRO A 108 -0.01 13.75 -28.66
C PRO A 108 0.63 13.76 -30.04
N LEU A 109 0.10 12.95 -30.95
CA LEU A 109 0.65 12.82 -32.30
C LEU A 109 0.50 14.12 -33.08
N ALA A 110 -0.67 14.75 -32.97
CA ALA A 110 -0.95 16.00 -33.68
C ALA A 110 -0.04 17.11 -33.16
N LEU A 111 0.35 17.01 -31.90
CA LEU A 111 1.24 17.98 -31.29
C LEU A 111 2.67 17.76 -31.78
N MET A 112 3.07 16.50 -31.86
CA MET A 112 4.40 16.16 -32.35
C MET A 112 4.53 16.49 -33.83
N ALA A 113 3.41 16.43 -34.54
CA ALA A 113 3.38 16.83 -35.94
C ALA A 113 3.66 18.33 -36.06
N CYS A 114 3.04 19.10 -35.17
CA CYS A 114 3.28 20.54 -35.11
C CYS A 114 4.74 20.83 -34.76
N ALA A 115 5.30 20.01 -33.88
CA ALA A 115 6.69 20.17 -33.44
C ALA A 115 7.65 20.02 -34.61
N LEU A 116 7.37 19.05 -35.48
CA LEU A 116 8.22 18.78 -36.63
C LEU A 116 8.01 19.84 -37.72
N ARG A 117 6.76 20.25 -37.92
CA ARG A 117 6.43 21.25 -38.92
C ARG A 117 7.18 22.55 -38.68
N LYS A 118 7.20 23.01 -37.43
CA LYS A 118 7.88 24.25 -37.10
C LYS A 118 9.40 24.06 -37.10
N LYS A 119 9.86 22.86 -36.79
CA LYS A 119 11.28 22.55 -36.83
C LYS A 119 11.78 22.50 -38.27
N ALA A 120 11.00 21.87 -39.13
CA ALA A 120 11.37 21.71 -40.53
C ALA A 120 11.30 23.06 -41.26
N THR A 121 10.28 23.84 -40.93
CA THR A 121 10.08 25.14 -41.56
C THR A 121 10.87 26.23 -40.85
N VAL A 122 12.09 25.89 -40.43
CA VAL A 122 13.05 26.85 -39.91
C VAL A 122 14.47 26.29 -40.06
N PHE A 123 14.59 24.97 -39.99
CA PHE A 123 15.81 24.28 -40.39
C PHE A 123 15.82 24.02 -41.89
N ARG A 124 14.71 24.35 -42.54
CA ARG A 124 14.49 24.10 -43.97
C ARG A 124 14.44 22.60 -44.28
N GLN A 125 13.27 22.16 -44.70
CA GLN A 125 13.04 20.76 -45.07
C GLN A 125 14.06 20.27 -46.09
N GLN A 130 8.73 12.55 -39.19
CA GLN A 130 7.67 11.56 -38.99
C GLN A 130 7.28 11.50 -37.51
N PRO A 131 6.05 11.96 -37.16
CA PRO A 131 5.65 11.99 -35.75
C PRO A 131 5.65 10.63 -35.05
N GLU A 132 5.44 9.56 -35.80
CA GLU A 132 5.32 8.22 -35.21
C GLU A 132 6.60 7.76 -34.49
N GLU A 133 7.71 8.43 -34.77
CA GLU A 133 9.01 8.01 -34.23
C GLU A 133 9.47 8.91 -33.10
N TYR A 134 8.53 9.37 -32.27
CA TYR A 134 8.85 10.29 -31.18
C TYR A 134 7.99 10.06 -29.94
N ALA A 135 8.43 10.64 -28.83
CA ALA A 135 7.68 10.62 -27.58
C ALA A 135 7.92 11.92 -26.82
N LEU A 136 6.84 12.50 -26.29
CA LEU A 136 6.91 13.75 -25.56
C LEU A 136 7.27 13.51 -24.09
N GLN A 137 8.47 13.93 -23.69
CA GLN A 137 8.89 13.87 -22.30
C GLN A 137 8.48 15.14 -21.57
N VAL A 138 7.99 14.98 -20.35
CA VAL A 138 7.74 16.13 -19.48
C VAL A 138 9.07 16.61 -18.93
N ASN A 139 9.38 17.89 -19.16
CA ASN A 139 10.65 18.47 -18.79
C ASN A 139 11.06 18.21 -17.34
N GLY A 140 12.27 17.70 -17.15
CA GLY A 140 12.83 17.48 -15.83
C GLY A 140 12.04 16.52 -14.96
N ARG A 141 11.31 15.60 -15.60
CA ARG A 141 10.58 14.56 -14.89
C ARG A 141 10.77 13.22 -15.59
N HIS A 142 10.52 12.14 -14.86
CA HIS A 142 10.56 10.79 -15.43
C HIS A 142 9.14 10.40 -15.89
N GLU A 143 8.62 11.20 -16.81
CA GLU A 143 7.28 10.98 -17.35
C GLU A 143 7.26 11.26 -18.84
N TYR A 144 6.36 10.58 -19.56
CA TYR A 144 6.24 10.72 -21.00
C TYR A 144 4.78 10.77 -21.43
N LEU A 145 4.47 11.66 -22.38
CA LEU A 145 3.15 11.72 -22.98
C LEU A 145 3.15 10.96 -24.30
N TYR A 146 2.32 9.92 -24.37
CA TYR A 146 2.18 9.13 -25.58
C TYR A 146 0.88 8.33 -25.53
N GLY A 147 0.60 7.60 -26.61
CA GLY A 147 -0.65 6.87 -26.74
C GLY A 147 -1.70 7.72 -27.41
N ASN A 148 -2.85 7.12 -27.68
CA ASN A 148 -3.94 7.82 -28.37
C ASN A 148 -4.96 8.39 -27.40
N TYR A 149 -4.48 9.18 -26.45
CA TYR A 149 -5.33 9.85 -25.48
C TYR A 149 -5.32 11.36 -25.73
N PRO A 150 -6.49 12.02 -25.56
CA PRO A 150 -6.45 13.48 -25.63
C PRO A 150 -5.55 14.05 -24.54
N LEU A 151 -4.90 15.17 -24.82
CA LEU A 151 -3.88 15.72 -23.92
C LEU A 151 -4.39 15.91 -22.49
N CYS A 152 -5.66 16.24 -22.34
CA CYS A 152 -6.21 16.54 -21.02
C CYS A 152 -6.40 15.29 -20.16
N HIS A 153 -6.33 14.11 -20.77
CA HIS A 153 -6.42 12.87 -20.02
C HIS A 153 -5.11 12.55 -19.32
N PHE A 154 -4.03 13.21 -19.75
CA PHE A 154 -2.73 13.08 -19.09
C PHE A 154 -2.71 13.97 -17.85
N GLN A 155 -2.17 13.46 -16.75
CA GLN A 155 -2.27 14.14 -15.46
C GLN A 155 -1.32 15.33 -15.37
N TYR A 156 -0.28 15.35 -16.20
CA TYR A 156 0.61 16.51 -16.24
C TYR A 156 -0.09 17.69 -16.89
N ILE A 157 -0.84 17.42 -17.94
CA ILE A 157 -1.61 18.45 -18.65
C ILE A 157 -2.78 18.92 -17.78
N CYS A 158 -3.44 17.97 -17.14
CA CYS A 158 -4.58 18.29 -16.28
C CYS A 158 -4.14 19.16 -15.11
N SER A 159 -2.92 18.92 -14.63
CA SER A 159 -2.34 19.72 -13.57
C SER A 159 -2.09 21.16 -14.04
N CYS A 160 -1.45 21.28 -15.20
CA CYS A 160 -1.16 22.58 -15.78
C CYS A 160 -2.42 23.41 -16.00
N LEU A 161 -3.50 22.74 -16.38
CA LEU A 161 -4.77 23.42 -16.63
C LEU A 161 -5.48 23.85 -15.35
N HIS A 162 -4.98 23.37 -14.21
CA HIS A 162 -5.58 23.70 -12.92
C HIS A 162 -4.80 24.78 -12.17
N SER A 163 -3.55 24.98 -12.58
CA SER A 163 -2.70 26.02 -12.00
C SER A 163 -2.39 27.12 -13.01
N GLY A 164 -2.96 27.01 -14.20
CA GLY A 164 -2.74 27.99 -15.25
C GLY A 164 -1.33 27.90 -15.83
N LEU A 165 -0.56 26.91 -15.37
CA LEU A 165 0.81 26.73 -15.82
C LEU A 165 0.82 26.24 -17.27
N THR A 166 1.97 26.41 -17.94
CA THR A 166 2.12 26.00 -19.34
C THR A 166 2.96 24.72 -19.43
N PRO A 167 2.37 23.65 -20.00
CA PRO A 167 3.15 22.41 -20.21
C PRO A 167 4.43 22.65 -21.01
N HIS A 168 5.54 22.14 -20.49
CA HIS A 168 6.83 22.20 -21.18
C HIS A 168 7.31 20.79 -21.50
N LEU A 169 7.16 20.42 -22.77
CA LEU A 169 7.46 19.06 -23.21
C LEU A 169 8.74 19.01 -24.04
N THR A 170 9.16 17.80 -24.39
CA THR A 170 10.40 17.59 -25.13
C THR A 170 10.28 16.44 -26.12
N MET A 171 10.54 16.74 -27.39
CA MET A 171 10.55 15.72 -28.44
C MET A 171 11.78 14.81 -28.30
N VAL A 172 11.55 13.57 -27.91
CA VAL A 172 12.62 12.59 -27.80
C VAL A 172 12.45 11.52 -28.88
N HIS A 173 13.53 11.21 -29.58
CA HIS A 173 13.47 10.25 -30.69
C HIS A 173 13.54 8.82 -30.18
N SER A 174 13.05 7.89 -30.99
CA SER A 174 13.04 6.47 -30.63
C SER A 174 14.45 5.93 -30.48
N SER A 175 15.40 6.53 -31.21
CA SER A 175 16.78 6.07 -31.20
C SER A 175 17.41 6.19 -29.82
N SER A 176 17.17 7.31 -29.15
CA SER A 176 17.74 7.56 -27.83
C SER A 176 17.00 6.79 -26.75
N ILE A 177 15.76 6.39 -27.05
CA ILE A 177 14.99 5.55 -26.14
C ILE A 177 15.58 4.14 -26.13
N LEU A 178 15.89 3.63 -27.31
CA LEU A 178 16.53 2.32 -27.43
C LEU A 178 17.90 2.35 -26.77
N ALA A 179 18.51 3.52 -26.73
CA ALA A 179 19.80 3.70 -26.08
C ALA A 179 19.65 3.60 -24.57
N MET A 180 18.47 3.97 -24.06
CA MET A 180 18.18 3.83 -22.64
C MET A 180 17.98 2.37 -22.28
N ARG A 181 17.19 1.66 -23.08
CA ARG A 181 16.93 0.24 -22.88
C ARG A 181 18.24 -0.54 -22.81
N ASP A 182 19.10 -0.33 -23.80
CA ASP A 182 20.38 -1.03 -23.88
C ASP A 182 21.30 -0.62 -22.74
N GLU A 183 21.25 0.66 -22.38
CA GLU A 183 22.06 1.18 -21.28
C GLU A 183 21.65 0.57 -19.94
N GLN A 184 20.40 0.10 -19.87
CA GLN A 184 19.82 -0.42 -18.64
C GLN A 184 19.53 -1.91 -18.72
N SER A 185 20.55 -2.69 -19.07
CA SER A 185 20.44 -4.15 -19.10
C SER A 185 21.62 -4.77 -18.35
N ASN A 186 21.91 -6.04 -18.63
CA ASN A 186 23.03 -6.71 -18.00
C ASN A 186 23.52 -7.89 -18.85
N LEU A 211 -1.50 -39.95 1.60
CA LEU A 211 -2.24 -41.21 1.65
C LEU A 211 -3.47 -41.09 2.54
N TRP A 212 -4.61 -41.49 1.99
CA TRP A 212 -5.86 -41.50 2.74
C TRP A 212 -5.92 -42.67 3.73
N SER A 213 -4.85 -43.47 3.76
CA SER A 213 -4.81 -44.65 4.61
C SER A 213 -4.82 -44.32 6.11
N LEU A 214 -3.80 -43.59 6.56
CA LEU A 214 -3.61 -43.30 7.98
C LEU A 214 -4.88 -42.73 8.63
N GLU A 215 -5.64 -43.63 9.25
CA GLU A 215 -6.94 -43.29 9.82
C GLU A 215 -6.85 -43.02 11.33
N GLN A 216 -5.69 -43.28 11.91
CA GLN A 216 -5.48 -43.04 13.34
C GLN A 216 -5.72 -41.58 13.69
N PRO A 217 -6.09 -41.30 14.96
CA PRO A 217 -6.18 -39.90 15.39
C PRO A 217 -4.83 -39.21 15.31
N PHE A 218 -4.82 -37.93 14.93
CA PHE A 218 -3.58 -37.17 14.85
C PHE A 218 -3.05 -36.91 16.24
N SER A 219 -1.74 -37.12 16.43
CA SER A 219 -1.11 -36.97 17.73
C SER A 219 0.26 -36.30 17.63
N ILE A 220 0.70 -35.71 18.73
CA ILE A 220 2.04 -35.16 18.85
C ILE A 220 2.49 -35.33 20.30
N GLU A 221 3.81 -35.44 20.51
CA GLU A 221 4.34 -35.55 21.86
C GLU A 221 4.95 -34.22 22.31
N LEU A 222 4.37 -33.65 23.36
CA LEU A 222 4.90 -32.44 23.98
C LEU A 222 6.00 -32.82 24.96
N ILE A 223 7.24 -32.62 24.56
CA ILE A 223 8.39 -33.07 25.35
C ILE A 223 8.73 -32.09 26.47
N GLU A 224 9.59 -31.10 26.17
CA GLU A 224 10.09 -30.18 27.18
C GLU A 224 10.02 -28.72 26.70
N GLY A 225 10.49 -27.80 27.53
CA GLY A 225 10.47 -26.38 27.20
C GLY A 225 11.49 -25.60 28.01
N ARG A 226 11.61 -24.31 27.74
CA ARG A 226 12.54 -23.42 28.44
C ARG A 226 11.93 -22.01 28.53
N LYS A 227 11.52 -21.60 29.74
CA LYS A 227 10.66 -20.41 29.90
C LYS A 227 11.14 -19.40 30.95
N VAL A 228 10.30 -18.40 31.19
CA VAL A 228 10.53 -17.37 32.21
C VAL A 228 9.20 -16.87 32.77
N ASN A 229 9.00 -17.05 34.07
CA ASN A 229 7.83 -16.48 34.75
C ASN A 229 7.88 -16.71 36.26
N ALA A 230 6.95 -16.09 36.97
CA ALA A 230 6.91 -16.15 38.43
C ALA A 230 6.87 -17.58 38.94
N MET A 234 3.82 -20.38 40.41
CA MET A 234 2.66 -20.61 39.55
C MET A 234 2.83 -21.92 38.79
N LYS A 235 2.14 -22.05 37.67
CA LYS A 235 2.19 -23.27 36.86
C LYS A 235 2.14 -22.96 35.37
N LEU A 236 2.96 -23.67 34.60
CA LEU A 236 2.99 -23.52 33.15
C LEU A 236 2.09 -24.56 32.47
N VAL A 237 1.61 -24.22 31.28
CA VAL A 237 0.70 -25.10 30.54
C VAL A 237 0.76 -24.79 29.04
N VAL A 238 0.63 -25.85 28.23
CA VAL A 238 0.74 -25.75 26.78
C VAL A 238 -0.59 -26.09 26.11
N GLN A 239 -1.25 -25.08 25.56
CA GLN A 239 -2.44 -25.30 24.74
C GLN A 239 -2.05 -25.45 23.27
N ALA A 240 -2.48 -26.54 22.65
CA ALA A 240 -2.21 -26.80 21.24
C ALA A 240 -3.50 -26.96 20.47
N GLY A 241 -3.58 -26.33 19.30
CA GLY A 241 -4.79 -26.34 18.49
C GLY A 241 -4.52 -26.47 17.01
N LEU A 242 -5.41 -27.17 16.33
CA LEU A 242 -5.33 -27.33 14.87
C LEU A 242 -6.26 -26.34 14.17
N PHE A 243 -5.73 -25.72 13.12
CA PHE A 243 -6.46 -24.68 12.41
C PHE A 243 -6.32 -24.80 10.89
N HIS A 244 -7.43 -24.60 10.18
CA HIS A 244 -7.41 -24.34 8.76
C HIS A 244 -7.62 -22.84 8.58
N GLY A 245 -6.60 -22.07 8.94
CA GLY A 245 -6.68 -20.63 8.91
C GLY A 245 -7.38 -20.08 10.13
N ASN A 246 -8.48 -19.36 9.90
CA ASN A 246 -9.22 -18.70 10.97
C ASN A 246 -10.23 -19.62 11.67
N GLU A 247 -10.22 -20.90 11.31
CA GLU A 247 -11.18 -21.86 11.85
C GLU A 247 -10.49 -23.10 12.40
N MET A 248 -11.10 -23.68 13.44
CA MET A 248 -10.56 -24.88 14.08
C MET A 248 -10.91 -26.16 13.33
N LEU A 249 -9.91 -27.01 13.11
CA LEU A 249 -10.13 -28.32 12.51
C LEU A 249 -10.76 -29.25 13.54
N CYS A 250 -10.35 -29.08 14.79
CA CYS A 250 -10.93 -29.79 15.91
C CYS A 250 -10.74 -28.93 17.16
N LYS A 251 -11.30 -29.35 18.28
CA LYS A 251 -11.16 -28.58 19.51
C LYS A 251 -9.75 -28.75 20.07
N THR A 252 -9.22 -27.67 20.64
CA THR A 252 -7.84 -27.64 21.13
C THR A 252 -7.64 -28.61 22.28
N VAL A 253 -6.38 -28.95 22.54
CA VAL A 253 -6.02 -29.78 23.67
C VAL A 253 -4.91 -29.11 24.47
N SER A 254 -5.02 -29.16 25.79
CA SER A 254 -4.02 -28.57 26.68
C SER A 254 -3.16 -29.65 27.30
N SER A 255 -1.99 -29.25 27.82
CA SER A 255 -1.13 -30.14 28.56
C SER A 255 -1.52 -30.09 30.03
N SER A 256 -0.86 -30.88 30.86
CA SER A 256 -1.07 -30.82 32.30
C SER A 256 -0.16 -29.75 32.89
N GLU A 257 -0.52 -29.27 34.07
CA GLU A 257 0.22 -28.17 34.69
C GLU A 257 1.59 -28.60 35.20
N VAL A 258 2.61 -27.84 34.81
CA VAL A 258 3.99 -28.07 35.26
C VAL A 258 4.57 -26.74 35.76
N ASN A 259 5.29 -26.80 36.89
CA ASN A 259 5.62 -25.59 37.66
C ASN A 259 6.55 -24.59 36.98
N VAL A 260 6.67 -23.43 37.63
CA VAL A 260 7.31 -22.24 37.04
C VAL A 260 8.79 -22.37 36.77
N CYS A 261 9.59 -22.69 37.80
CA CYS A 261 11.03 -22.77 37.63
C CYS A 261 11.35 -23.86 36.60
N SER A 262 12.53 -23.80 36.01
CA SER A 262 12.89 -24.59 34.83
C SER A 262 12.29 -23.86 33.63
N GLU A 263 12.50 -24.24 32.35
CA GLU A 263 13.05 -25.49 31.80
C GLU A 263 12.13 -26.71 32.05
N PRO A 264 10.80 -26.52 31.93
CA PRO A 264 9.89 -27.61 32.33
C PRO A 264 9.88 -28.79 31.37
N VAL A 265 9.18 -29.86 31.76
CA VAL A 265 9.09 -31.08 30.97
C VAL A 265 7.68 -31.62 31.05
N TRP A 266 7.26 -32.33 30.00
CA TRP A 266 5.94 -32.95 29.97
C TRP A 266 6.03 -34.39 29.46
N LYS A 267 6.60 -34.55 28.27
CA LYS A 267 6.60 -35.83 27.57
C LYS A 267 5.17 -36.36 27.44
N GLN A 268 4.21 -35.42 27.47
CA GLN A 268 2.79 -35.74 27.44
C GLN A 268 2.28 -35.78 26.01
N ARG A 269 1.81 -36.95 25.59
CA ARG A 269 1.31 -37.14 24.23
C ARG A 269 -0.07 -36.53 24.06
N LEU A 270 -0.19 -35.58 23.14
CA LEU A 270 -1.45 -34.89 22.87
C LEU A 270 -2.16 -35.49 21.66
N GLU A 271 -3.37 -36.01 21.89
CA GLU A 271 -4.17 -36.59 20.83
C GLU A 271 -5.30 -35.63 20.43
N PHE A 272 -5.39 -35.34 19.13
CA PHE A 272 -6.39 -34.42 18.61
C PHE A 272 -7.60 -35.15 18.05
N ASP A 273 -8.78 -34.57 18.24
CA ASP A 273 -10.02 -35.17 17.77
C ASP A 273 -10.17 -35.02 16.25
N ILE A 274 -9.23 -35.63 15.53
CA ILE A 274 -9.28 -35.65 14.07
C ILE A 274 -8.26 -36.65 13.54
N SER A 275 -8.63 -37.35 12.48
CA SER A 275 -7.74 -38.35 11.89
C SER A 275 -6.68 -37.67 11.03
N VAL A 276 -5.62 -38.41 10.72
CA VAL A 276 -4.49 -37.86 9.99
C VAL A 276 -4.80 -37.72 8.50
N CYS A 277 -5.66 -38.59 7.99
CA CYS A 277 -6.03 -38.55 6.57
C CYS A 277 -7.03 -37.46 6.26
N ASP A 278 -7.39 -36.68 7.28
CA ASP A 278 -8.39 -35.62 7.14
C ASP A 278 -7.79 -34.22 7.34
N LEU A 279 -6.50 -34.17 7.67
CA LEU A 279 -5.81 -32.88 7.80
C LEU A 279 -5.71 -32.21 6.43
N PRO A 280 -6.25 -30.99 6.29
CA PRO A 280 -6.14 -30.34 4.98
C PRO A 280 -4.71 -29.91 4.68
N ARG A 281 -4.44 -29.59 3.42
CA ARG A 281 -3.08 -29.25 2.98
C ARG A 281 -2.51 -28.07 3.75
N MET A 282 -3.39 -27.22 4.27
CA MET A 282 -2.99 -26.01 4.98
C MET A 282 -3.26 -26.11 6.47
N ALA A 283 -3.15 -27.33 6.99
CA ALA A 283 -3.27 -27.54 8.42
C ALA A 283 -2.04 -26.99 9.13
N ARG A 284 -2.25 -26.07 10.05
CA ARG A 284 -1.17 -25.55 10.88
C ARG A 284 -1.46 -25.78 12.35
N LEU A 285 -0.50 -26.41 13.03
CA LEU A 285 -0.62 -26.68 14.46
C LEU A 285 -0.16 -25.47 15.25
N CYS A 286 -1.04 -24.95 16.09
CA CYS A 286 -0.78 -23.71 16.83
C CYS A 286 -0.64 -23.97 18.32
N PHE A 287 0.56 -23.73 18.84
CA PHE A 287 0.83 -23.88 20.27
C PHE A 287 0.71 -22.54 20.98
N ALA A 288 0.14 -22.59 22.19
CA ALA A 288 0.12 -21.44 23.07
C ALA A 288 0.69 -21.85 24.42
N LEU A 289 1.51 -20.98 25.00
CA LEU A 289 2.11 -21.21 26.31
C LEU A 289 1.82 -20.04 27.22
N TYR A 290 1.38 -20.33 28.44
CA TYR A 290 1.06 -19.30 29.41
C TYR A 290 1.17 -19.85 30.82
N ALA A 291 1.34 -18.96 31.79
CA ALA A 291 1.41 -19.34 33.19
C ALA A 291 0.02 -19.21 33.82
N VAL A 292 -0.26 -20.05 34.82
CA VAL A 292 -1.56 -20.04 35.48
C VAL A 292 -1.39 -20.28 36.98
N VAL A 293 -2.30 -19.70 37.76
CA VAL A 293 -2.32 -19.89 39.20
C VAL A 293 -2.99 -21.21 39.55
N CYS A 311 -1.80 -15.60 32.85
CA CYS A 311 -0.60 -14.84 32.51
C CYS A 311 0.04 -15.36 31.22
N PRO A 312 -0.23 -14.70 30.07
CA PRO A 312 0.35 -15.14 28.81
C PRO A 312 1.88 -15.10 28.79
N ILE A 313 2.48 -15.95 27.96
CA ILE A 313 3.93 -16.02 27.84
C ILE A 313 4.37 -15.94 26.38
N ALA A 314 4.17 -17.04 25.64
CA ALA A 314 4.63 -17.13 24.27
C ALA A 314 3.75 -18.04 23.41
N TRP A 315 3.80 -17.82 22.09
CA TRP A 315 3.02 -18.61 21.13
C TRP A 315 3.89 -19.04 19.95
N ALA A 316 3.42 -20.02 19.20
CA ALA A 316 4.13 -20.49 18.01
C ALA A 316 3.26 -21.43 17.19
N ASN A 317 3.40 -21.34 15.86
CA ASN A 317 2.66 -22.19 14.94
C ASN A 317 3.59 -22.87 13.94
N LEU A 318 3.07 -23.88 13.23
CA LEU A 318 3.79 -24.49 12.11
C LEU A 318 2.85 -25.34 11.27
N MET A 319 3.22 -25.55 10.02
CA MET A 319 2.42 -26.36 9.09
C MET A 319 2.67 -27.86 9.35
N LEU A 320 1.62 -28.66 9.22
CA LEU A 320 1.74 -30.10 9.40
C LEU A 320 2.24 -30.78 8.13
N PHE A 321 2.39 -29.99 7.06
CA PHE A 321 3.07 -30.42 5.85
C PHE A 321 4.20 -29.47 5.55
N ASP A 322 5.34 -30.00 5.12
CA ASP A 322 6.46 -29.16 4.71
C ASP A 322 6.12 -28.51 3.38
N TYR A 323 7.08 -27.81 2.78
CA TYR A 323 6.82 -27.08 1.54
C TYR A 323 6.86 -27.99 0.31
N LYS A 324 6.79 -29.30 0.54
CA LYS A 324 6.74 -30.28 -0.55
C LYS A 324 5.67 -31.34 -0.25
N ASP A 325 4.64 -30.93 0.47
CA ASP A 325 3.44 -31.75 0.69
C ASP A 325 3.72 -32.99 1.55
N GLN A 326 4.94 -33.14 2.04
CA GLN A 326 5.30 -34.28 2.88
C GLN A 326 4.84 -34.03 4.31
N LEU A 327 4.20 -35.03 4.91
CA LEU A 327 3.71 -34.92 6.28
C LEU A 327 4.88 -34.71 7.23
N LYS A 328 4.74 -33.72 8.11
CA LYS A 328 5.82 -33.33 9.02
C LYS A 328 6.19 -34.46 10.00
N THR A 329 7.48 -34.69 10.15
CA THR A 329 7.99 -35.67 11.12
C THR A 329 9.52 -35.53 11.20
N GLY A 330 10.14 -35.81 12.35
CA GLY A 330 9.51 -36.30 13.56
C GLY A 330 9.68 -35.35 14.74
N GLU A 331 10.87 -34.76 14.88
CA GLU A 331 11.13 -33.80 15.95
C GLU A 331 11.44 -32.42 15.38
N ARG A 332 10.82 -31.40 15.97
CA ARG A 332 11.04 -30.02 15.57
C ARG A 332 11.10 -29.12 16.80
N CYS A 333 12.06 -28.19 16.81
CA CYS A 333 12.20 -27.22 17.88
C CYS A 333 11.48 -25.92 17.53
N LEU A 334 10.60 -25.47 18.42
CA LEU A 334 9.76 -24.31 18.15
C LEU A 334 10.17 -23.11 18.99
N TYR A 335 10.86 -22.16 18.37
CA TYR A 335 11.26 -20.92 19.03
C TYR A 335 10.09 -19.94 19.01
N MET A 336 9.46 -19.77 20.17
CA MET A 336 8.19 -19.08 20.26
C MET A 336 8.32 -17.55 20.25
N TRP A 337 7.21 -16.89 19.93
CA TRP A 337 7.13 -15.44 19.93
C TRP A 337 6.41 -14.95 21.17
N PRO A 338 6.75 -13.73 21.64
CA PRO A 338 6.00 -13.15 22.78
C PRO A 338 4.51 -13.05 22.48
N SER A 339 3.67 -13.06 23.53
CA SER A 339 2.22 -13.15 23.37
C SER A 339 1.46 -11.97 23.95
N VAL A 340 0.57 -11.40 23.15
CA VAL A 340 -0.35 -10.35 23.59
C VAL A 340 0.40 -9.19 24.24
N LEU A 347 -6.55 -16.65 22.72
CA LEU A 347 -5.15 -16.52 23.09
C LEU A 347 -4.23 -17.24 22.13
N LEU A 348 -4.77 -18.21 21.40
CA LEU A 348 -4.05 -18.79 20.28
C LEU A 348 -4.03 -17.81 19.12
N ASN A 349 -3.05 -17.98 18.24
CA ASN A 349 -2.80 -17.04 17.16
C ASN A 349 -2.49 -17.72 15.83
N PRO A 350 -3.53 -18.24 15.14
CA PRO A 350 -3.34 -18.94 13.87
C PRO A 350 -2.93 -18.03 12.73
N ALA A 351 -3.29 -16.75 12.78
CA ALA A 351 -2.89 -15.81 11.74
C ALA A 351 -1.38 -15.54 11.82
N GLY A 352 -0.79 -15.84 12.96
CA GLY A 352 0.63 -15.62 13.17
C GLY A 352 1.52 -16.42 12.25
N THR A 353 2.77 -15.99 12.13
CA THR A 353 3.75 -16.64 11.27
C THR A 353 3.96 -18.10 11.66
N VAL A 354 4.36 -18.91 10.67
CA VAL A 354 4.64 -20.33 10.90
C VAL A 354 6.14 -20.61 10.88
N ARG A 355 6.94 -19.57 11.08
CA ARG A 355 8.39 -19.70 11.18
C ARG A 355 8.84 -19.22 12.56
N GLY A 356 9.92 -19.80 13.06
CA GLY A 356 10.35 -19.58 14.43
C GLY A 356 10.93 -18.21 14.70
N ASN A 357 10.87 -17.80 15.97
CA ASN A 357 11.51 -16.58 16.42
C ASN A 357 13.01 -16.61 16.12
N PRO A 358 13.49 -15.66 15.30
CA PRO A 358 14.89 -15.73 14.84
C PRO A 358 15.91 -15.56 15.96
N ASN A 359 15.51 -14.89 17.04
CA ASN A 359 16.41 -14.68 18.17
C ASN A 359 16.45 -15.92 19.06
N THR A 360 17.19 -16.93 18.62
CA THR A 360 17.33 -18.18 19.37
C THR A 360 18.00 -17.97 20.72
N GLU A 361 18.72 -16.86 20.86
CA GLU A 361 19.49 -16.59 22.06
C GLU A 361 18.62 -16.35 23.29
N SER A 362 17.39 -15.88 23.09
CA SER A 362 16.52 -15.50 24.20
C SER A 362 15.07 -15.95 24.04
N ALA A 363 14.76 -16.55 22.89
CA ALA A 363 13.39 -16.98 22.62
C ALA A 363 13.02 -18.20 23.46
N ALA A 364 11.86 -18.13 24.09
CA ALA A 364 11.30 -19.29 24.77
C ALA A 364 11.08 -20.40 23.74
N ALA A 365 11.60 -21.59 24.04
CA ALA A 365 11.57 -22.68 23.08
C ALA A 365 10.58 -23.77 23.49
N LEU A 366 10.14 -24.55 22.51
CA LEU A 366 9.23 -25.66 22.75
C LEU A 366 9.52 -26.79 21.77
N VAL A 367 10.04 -27.90 22.29
CA VAL A 367 10.29 -29.07 21.46
C VAL A 367 9.09 -30.00 21.52
N ILE A 368 8.79 -30.61 20.37
CA ILE A 368 7.66 -31.52 20.25
C ILE A 368 8.07 -32.69 19.38
N TYR A 369 7.24 -33.73 19.33
CA TYR A 369 7.50 -34.86 18.45
C TYR A 369 6.26 -35.26 17.66
N LEU A 370 6.41 -35.29 16.34
CA LEU A 370 5.35 -35.71 15.43
C LEU A 370 5.57 -37.17 15.03
N PRO A 371 4.69 -38.07 15.50
CA PRO A 371 4.90 -39.51 15.24
C PRO A 371 5.01 -39.87 13.76
N GLU A 372 5.94 -40.76 13.42
CA GLU A 372 5.97 -41.34 12.09
C GLU A 372 4.72 -42.20 11.93
N VAL A 373 4.32 -42.44 10.69
CA VAL A 373 3.09 -43.16 10.41
C VAL A 373 3.25 -44.11 9.22
N ALA A 374 4.49 -44.40 8.87
CA ALA A 374 4.80 -45.35 7.80
C ALA A 374 6.29 -45.66 7.78
N PRO A 377 6.21 -43.08 4.41
CA PRO A 377 6.57 -41.87 3.66
C PRO A 377 5.34 -41.30 2.95
N VAL A 378 4.63 -40.40 3.62
CA VAL A 378 3.33 -39.92 3.15
C VAL A 378 3.38 -38.46 2.70
N TYR A 379 3.07 -38.24 1.42
CA TYR A 379 2.89 -36.90 0.89
C TYR A 379 1.41 -36.54 0.94
N PHE A 380 1.09 -35.29 0.61
CA PHE A 380 -0.30 -34.91 0.38
C PHE A 380 -0.64 -35.27 -1.06
N PRO A 381 -1.84 -35.82 -1.30
CA PRO A 381 -2.19 -36.25 -2.66
C PRO A 381 -2.08 -35.13 -3.69
N ALA A 382 -1.55 -35.45 -4.87
CA ALA A 382 -1.46 -34.49 -5.96
C ALA A 382 -2.87 -34.10 -6.40
N LEU A 383 -2.97 -33.06 -7.22
CA LEU A 383 -4.26 -32.57 -7.67
C LEU A 383 -5.02 -33.63 -8.47
N GLU A 384 -4.29 -34.33 -9.33
CA GLU A 384 -4.90 -35.31 -10.22
C GLU A 384 -5.40 -36.57 -9.50
N LYS A 385 -5.27 -36.60 -8.17
CA LYS A 385 -5.84 -37.67 -7.36
C LYS A 385 -7.07 -37.16 -6.61
N ILE A 386 -7.14 -35.85 -6.40
CA ILE A 386 -8.33 -35.20 -5.88
C ILE A 386 -9.46 -35.34 -6.92
N LEU A 387 -9.08 -35.73 -8.14
CA LEU A 387 -10.01 -36.06 -9.23
C LEU A 387 -11.27 -36.79 -8.74
N GLU A 388 -11.05 -37.68 -7.77
CA GLU A 388 -12.05 -38.65 -7.34
C GLU A 388 -13.46 -38.11 -7.18
N LEU A 389 -13.63 -37.11 -6.32
CA LEU A 389 -14.95 -36.61 -5.96
C LEU A 389 -14.98 -35.10 -5.89
N LEU A 406 -34.60 -23.32 -3.34
CA LEU A 406 -35.13 -22.31 -2.42
C LEU A 406 -34.03 -21.30 -2.06
N ARG A 407 -33.04 -21.75 -1.30
CA ARG A 407 -31.89 -20.96 -0.87
C ARG A 407 -31.97 -19.44 -1.00
N GLU A 408 -31.94 -18.99 -2.26
CA GLU A 408 -31.62 -17.60 -2.65
C GLU A 408 -31.71 -16.52 -1.57
N ILE A 409 -32.77 -16.54 -0.76
CA ILE A 409 -32.99 -15.49 0.23
C ILE A 409 -31.77 -15.33 1.15
N LEU A 410 -31.02 -16.42 1.35
CA LEU A 410 -29.80 -16.37 2.14
C LEU A 410 -28.70 -15.62 1.40
N GLU A 411 -28.84 -15.51 0.08
CA GLU A 411 -27.88 -14.81 -0.77
C GLU A 411 -26.53 -15.51 -0.72
N TYR A 419 -26.42 -19.87 10.89
CA TYR A 419 -27.13 -21.03 11.40
C TYR A 419 -26.75 -22.27 10.60
N GLU A 420 -26.64 -23.41 11.28
CA GLU A 420 -26.15 -24.62 10.63
C GLU A 420 -27.16 -25.15 9.61
N HIS A 421 -28.45 -25.04 9.91
CA HIS A 421 -29.47 -25.49 8.97
C HIS A 421 -29.39 -24.63 7.71
N GLU A 422 -29.04 -23.36 7.88
CA GLU A 422 -28.75 -22.51 6.74
C GLU A 422 -27.46 -22.97 6.07
N LYS A 423 -26.42 -23.17 6.87
CA LYS A 423 -25.12 -23.62 6.36
C LYS A 423 -25.25 -24.93 5.60
N ASP A 424 -26.17 -25.78 6.05
CA ASP A 424 -26.51 -27.00 5.32
C ASP A 424 -27.20 -26.61 4.02
N LEU A 425 -28.03 -25.58 4.09
CA LEU A 425 -28.71 -25.06 2.91
C LEU A 425 -27.82 -24.03 2.19
N VAL A 426 -26.51 -24.16 2.36
CA VAL A 426 -25.56 -23.53 1.45
C VAL A 426 -24.34 -24.46 1.25
N TRP A 427 -24.36 -25.63 1.90
CA TRP A 427 -23.50 -26.74 1.48
C TRP A 427 -24.22 -27.52 0.38
N LYS A 428 -25.39 -28.05 0.73
CA LYS A 428 -26.45 -28.53 -0.18
C LYS A 428 -26.15 -28.65 -1.70
N MET A 429 -27.05 -28.12 -2.52
CA MET A 429 -26.86 -27.94 -3.96
C MET A 429 -25.52 -27.24 -4.29
N ARG A 430 -24.40 -27.90 -3.99
CA ARG A 430 -23.08 -27.32 -4.23
C ARG A 430 -22.96 -26.86 -5.69
N HIS A 431 -23.51 -27.68 -6.58
CA HIS A 431 -23.31 -27.53 -8.01
C HIS A 431 -24.13 -26.37 -8.55
N GLU A 432 -25.25 -26.09 -7.89
CA GLU A 432 -26.13 -25.01 -8.32
C GLU A 432 -25.50 -23.65 -8.06
N VAL A 433 -24.65 -23.58 -7.03
CA VAL A 433 -23.91 -22.36 -6.76
C VAL A 433 -23.00 -22.05 -7.94
N GLN A 434 -22.13 -22.99 -8.29
CA GLN A 434 -21.27 -22.83 -9.45
C GLN A 434 -22.08 -22.49 -10.69
N GLU A 435 -23.15 -23.25 -10.90
CA GLU A 435 -23.95 -23.14 -12.12
C GLU A 435 -24.69 -21.81 -12.24
N HIS A 436 -25.15 -21.27 -11.11
CA HIS A 436 -26.04 -20.11 -11.14
C HIS A 436 -25.75 -19.04 -10.07
N PHE A 437 -24.68 -19.23 -9.30
CA PHE A 437 -24.25 -18.23 -8.31
C PHE A 437 -22.73 -18.22 -8.16
N PRO A 438 -22.01 -18.10 -9.28
CA PRO A 438 -20.54 -18.23 -9.26
C PRO A 438 -19.85 -17.26 -8.31
N GLU A 439 -20.46 -16.10 -8.08
CA GLU A 439 -19.85 -15.06 -7.26
C GLU A 439 -20.22 -15.22 -5.78
N ALA A 440 -20.75 -16.38 -5.41
CA ALA A 440 -21.02 -16.71 -4.01
C ALA A 440 -20.07 -17.81 -3.53
N LEU A 441 -18.95 -17.94 -4.24
CA LEU A 441 -17.96 -18.98 -3.94
C LEU A 441 -17.43 -18.87 -2.50
N ALA A 442 -17.15 -17.64 -2.08
CA ALA A 442 -16.58 -17.40 -0.75
C ALA A 442 -17.48 -17.96 0.35
N ARG A 443 -18.79 -17.81 0.18
CA ARG A 443 -19.75 -18.30 1.16
C ARG A 443 -19.88 -19.82 1.10
N LEU A 444 -19.52 -20.40 -0.05
CA LEU A 444 -19.53 -21.85 -0.21
C LEU A 444 -18.24 -22.46 0.33
N LEU A 445 -17.17 -21.68 0.31
CA LEU A 445 -15.87 -22.19 0.71
C LEU A 445 -15.72 -22.33 2.22
N LEU A 446 -16.53 -21.60 2.99
CA LEU A 446 -16.41 -21.62 4.44
C LEU A 446 -17.49 -22.45 5.11
N VAL A 447 -18.39 -23.02 4.32
CA VAL A 447 -19.33 -24.01 4.83
C VAL A 447 -18.77 -25.40 4.56
N THR A 448 -17.81 -25.47 3.66
CA THR A 448 -17.09 -26.71 3.39
C THR A 448 -16.39 -27.22 4.64
N LYS A 449 -16.63 -28.48 4.96
CA LYS A 449 -15.96 -29.11 6.10
C LYS A 449 -14.50 -29.40 5.74
N TRP A 450 -13.61 -28.50 6.14
CA TRP A 450 -12.19 -28.61 5.80
C TRP A 450 -11.50 -29.69 6.63
N ASN A 451 -12.16 -30.15 7.68
CA ASN A 451 -11.64 -31.26 8.49
C ASN A 451 -12.13 -32.60 7.98
N LYS A 452 -12.62 -32.62 6.74
CA LYS A 452 -13.03 -33.85 6.07
C LYS A 452 -12.50 -33.85 4.64
N HIS A 453 -11.56 -34.75 4.36
CA HIS A 453 -10.84 -34.75 3.09
C HIS A 453 -11.78 -34.88 1.88
N GLU A 454 -12.96 -35.46 2.10
CA GLU A 454 -13.90 -35.67 1.01
C GLU A 454 -14.71 -34.40 0.71
N ASP A 455 -15.24 -33.77 1.75
CA ASP A 455 -15.94 -32.50 1.58
C ASP A 455 -15.04 -31.45 0.93
N VAL A 456 -13.73 -31.61 1.12
CA VAL A 456 -12.75 -30.72 0.52
C VAL A 456 -12.52 -31.08 -0.95
N ALA A 457 -12.31 -32.35 -1.22
CA ALA A 457 -12.04 -32.82 -2.58
C ALA A 457 -13.24 -32.55 -3.48
N GLN A 458 -14.45 -32.58 -2.90
CA GLN A 458 -15.66 -32.26 -3.64
C GLN A 458 -15.76 -30.75 -3.87
N MET A 459 -15.27 -29.97 -2.91
CA MET A 459 -15.23 -28.53 -3.04
C MET A 459 -14.16 -28.13 -4.06
N LEU A 460 -13.00 -28.75 -3.94
CA LEU A 460 -11.89 -28.48 -4.86
C LEU A 460 -12.21 -28.97 -6.27
N TYR A 461 -13.24 -29.81 -6.39
CA TYR A 461 -13.69 -30.26 -7.71
C TYR A 461 -14.44 -29.14 -8.41
N LEU A 462 -15.37 -28.52 -7.68
CA LEU A 462 -16.13 -27.39 -8.20
C LEU A 462 -15.23 -26.21 -8.54
N LEU A 463 -14.21 -26.00 -7.70
CA LEU A 463 -13.33 -24.84 -7.83
C LEU A 463 -12.61 -24.81 -9.18
N CYS A 464 -12.27 -25.97 -9.72
CA CYS A 464 -11.53 -26.05 -10.97
C CYS A 464 -12.42 -25.73 -12.17
N SER A 465 -13.68 -26.13 -12.11
CA SER A 465 -14.65 -25.82 -13.16
C SER A 465 -15.35 -24.50 -12.86
N TRP A 466 -14.85 -23.78 -11.86
CA TRP A 466 -15.46 -22.53 -11.44
C TRP A 466 -15.05 -21.39 -12.38
N PRO A 467 -16.02 -20.58 -12.83
CA PRO A 467 -15.66 -19.45 -13.70
C PRO A 467 -14.94 -18.34 -12.93
N GLU A 468 -13.99 -17.67 -13.59
CA GLU A 468 -13.27 -16.58 -12.96
C GLU A 468 -14.22 -15.50 -12.43
N LEU A 469 -13.83 -14.87 -11.32
CA LEU A 469 -14.67 -13.87 -10.67
C LEU A 469 -14.14 -12.47 -10.92
N PRO A 470 -14.97 -11.45 -10.66
CA PRO A 470 -14.50 -10.07 -10.77
C PRO A 470 -13.35 -9.79 -9.80
N VAL A 471 -12.56 -8.76 -10.08
CA VAL A 471 -11.45 -8.36 -9.21
C VAL A 471 -11.91 -8.23 -7.77
N LEU A 472 -13.13 -7.71 -7.59
CA LEU A 472 -13.67 -7.41 -6.27
C LEU A 472 -13.81 -8.67 -5.42
N SER A 473 -14.44 -9.71 -5.97
CA SER A 473 -14.63 -10.96 -5.25
C SER A 473 -13.30 -11.63 -4.96
N ALA A 474 -12.35 -11.47 -5.87
CA ALA A 474 -11.02 -12.07 -5.72
C ALA A 474 -10.27 -11.45 -4.54
N LEU A 475 -10.45 -10.15 -4.34
CA LEU A 475 -9.80 -9.45 -3.24
C LEU A 475 -10.27 -9.99 -1.89
N GLU A 476 -11.50 -10.51 -1.85
CA GLU A 476 -12.02 -11.13 -0.64
C GLU A 476 -11.41 -12.52 -0.43
N LEU A 477 -11.24 -13.26 -1.52
CA LEU A 477 -10.71 -14.62 -1.45
C LEU A 477 -9.25 -14.64 -1.01
N LEU A 478 -8.59 -13.48 -1.03
CA LEU A 478 -7.19 -13.40 -0.63
C LEU A 478 -7.02 -13.40 0.89
N ASP A 479 -8.13 -13.20 1.60
CA ASP A 479 -8.06 -13.04 3.05
C ASP A 479 -7.63 -14.33 3.74
N PHE A 480 -7.24 -14.23 5.00
CA PHE A 480 -6.75 -15.36 5.76
C PHE A 480 -7.84 -16.41 6.00
N SER A 481 -9.10 -15.98 5.90
CA SER A 481 -10.24 -16.89 6.06
C SER A 481 -10.52 -17.66 4.78
N PHE A 482 -9.52 -17.75 3.91
CA PHE A 482 -9.55 -18.62 2.75
C PHE A 482 -8.13 -19.14 2.53
N PRO A 483 -7.57 -19.81 3.54
CA PRO A 483 -6.15 -20.18 3.60
C PRO A 483 -5.77 -21.27 2.61
N ASP A 484 -6.76 -21.98 2.07
CA ASP A 484 -6.50 -23.16 1.25
C ASP A 484 -5.58 -22.87 0.07
N CYS A 485 -4.72 -23.83 -0.21
CA CYS A 485 -3.75 -23.74 -1.30
C CYS A 485 -4.35 -23.32 -2.62
N TYR A 486 -5.44 -24.00 -3.02
CA TYR A 486 -5.99 -23.87 -4.36
C TYR A 486 -6.96 -22.70 -4.49
N VAL A 487 -7.52 -22.26 -3.37
CA VAL A 487 -8.37 -21.07 -3.37
C VAL A 487 -7.52 -19.85 -3.68
N GLY A 488 -6.29 -19.85 -3.19
CA GLY A 488 -5.37 -18.75 -3.42
C GLY A 488 -5.06 -18.58 -4.90
N SER A 489 -4.71 -19.67 -5.55
CA SER A 489 -4.36 -19.63 -6.97
C SER A 489 -5.55 -19.18 -7.82
N PHE A 490 -6.74 -19.60 -7.43
CA PHE A 490 -7.96 -19.20 -8.13
C PHE A 490 -8.17 -17.70 -7.98
N ALA A 491 -7.82 -17.17 -6.81
CA ALA A 491 -7.94 -15.74 -6.55
C ALA A 491 -6.93 -14.96 -7.38
N ILE A 492 -5.69 -15.44 -7.41
CA ILE A 492 -4.65 -14.80 -8.22
C ILE A 492 -4.99 -14.93 -9.70
N LYS A 493 -5.60 -16.04 -10.07
CA LYS A 493 -6.05 -16.24 -11.44
C LYS A 493 -7.09 -15.18 -11.83
N SER A 494 -7.87 -14.75 -10.86
CA SER A 494 -8.92 -13.75 -11.08
C SER A 494 -8.42 -12.33 -10.83
N LEU A 495 -7.11 -12.16 -10.71
CA LEU A 495 -6.51 -10.85 -10.52
C LEU A 495 -5.50 -10.53 -11.62
N ARG A 496 -5.29 -11.47 -12.54
CA ARG A 496 -4.40 -11.24 -13.66
C ARG A 496 -4.96 -10.20 -14.62
N LYS A 497 -6.26 -9.94 -14.51
CA LYS A 497 -6.92 -8.94 -15.35
C LYS A 497 -6.83 -7.56 -14.71
N LEU A 498 -6.18 -7.48 -13.55
CA LEU A 498 -5.89 -6.19 -12.92
C LEU A 498 -5.10 -5.28 -13.86
N THR A 499 -5.61 -4.09 -14.10
CA THR A 499 -4.84 -3.08 -14.82
C THR A 499 -3.72 -2.61 -13.90
N ASP A 500 -2.63 -2.13 -14.48
CA ASP A 500 -1.48 -1.68 -13.68
C ASP A 500 -1.86 -0.52 -12.76
N ASP A 501 -2.94 0.19 -13.10
CA ASP A 501 -3.44 1.27 -12.26
C ASP A 501 -4.34 0.71 -11.16
N GLU A 502 -4.99 -0.42 -11.45
CA GLU A 502 -5.76 -1.12 -10.43
C GLU A 502 -4.84 -1.81 -9.44
N LEU A 503 -3.90 -2.58 -9.96
CA LEU A 503 -2.89 -3.24 -9.14
C LEU A 503 -2.18 -2.24 -8.25
N PHE A 504 -1.89 -1.08 -8.82
CA PHE A 504 -1.19 -0.02 -8.09
C PHE A 504 -2.02 0.51 -6.94
N GLN A 505 -3.33 0.56 -7.12
CA GLN A 505 -4.23 1.05 -6.09
C GLN A 505 -4.32 0.09 -4.92
N TYR A 506 -4.19 -1.20 -5.20
CA TYR A 506 -4.37 -2.25 -4.21
C TYR A 506 -3.05 -2.85 -3.71
N LEU A 507 -1.96 -2.50 -4.37
CA LEU A 507 -0.66 -3.13 -4.12
C LEU A 507 -0.27 -3.16 -2.63
N LEU A 508 -0.74 -2.19 -1.86
CA LEU A 508 -0.41 -2.16 -0.45
C LEU A 508 -1.04 -3.34 0.27
N GLN A 509 -2.31 -3.61 -0.02
CA GLN A 509 -3.02 -4.72 0.59
C GLN A 509 -2.45 -6.07 0.17
N LEU A 510 -2.15 -6.22 -1.12
CA LEU A 510 -1.59 -7.46 -1.63
C LEU A 510 -0.27 -7.79 -0.94
N VAL A 511 0.43 -6.76 -0.51
CA VAL A 511 1.72 -6.93 0.16
C VAL A 511 1.54 -7.38 1.61
N GLN A 512 0.48 -6.91 2.25
CA GLN A 512 0.21 -7.30 3.64
C GLN A 512 -0.29 -8.74 3.72
N VAL A 513 -0.91 -9.22 2.64
CA VAL A 513 -1.38 -10.59 2.57
C VAL A 513 -0.21 -11.57 2.56
N LEU A 514 0.95 -11.12 2.10
CA LEU A 514 2.15 -11.95 2.07
C LEU A 514 2.48 -12.51 3.45
N LYS A 515 1.98 -11.84 4.50
CA LYS A 515 2.22 -12.26 5.87
C LYS A 515 1.28 -13.40 6.29
N TYR A 516 0.21 -13.59 5.53
CA TYR A 516 -0.73 -14.69 5.78
C TYR A 516 -0.24 -16.00 5.18
N GLU A 517 0.85 -15.94 4.42
CA GLU A 517 1.35 -17.12 3.73
C GLU A 517 2.07 -18.06 4.67
N SER A 518 2.26 -19.30 4.21
CA SER A 518 2.89 -20.34 5.01
C SER A 518 4.25 -20.75 4.41
N TYR A 519 4.36 -20.61 3.10
CA TYR A 519 5.57 -21.01 2.38
C TYR A 519 6.13 -19.84 1.57
N LEU A 520 7.44 -19.86 1.33
CA LEU A 520 8.11 -18.78 0.62
C LEU A 520 7.65 -18.69 -0.83
N ASP A 521 7.60 -19.82 -1.51
CA ASP A 521 7.18 -19.88 -2.90
C ASP A 521 5.65 -20.00 -3.01
N CYS A 522 5.01 -18.89 -3.35
CA CYS A 522 3.56 -18.85 -3.51
C CYS A 522 3.19 -18.19 -4.84
N GLU A 523 1.91 -18.26 -5.19
CA GLU A 523 1.42 -17.69 -6.44
C GLU A 523 1.42 -16.17 -6.34
N LEU A 524 1.15 -15.65 -5.15
CA LEU A 524 1.07 -14.22 -4.92
C LEU A 524 2.44 -13.56 -5.08
N THR A 525 3.47 -14.18 -4.55
CA THR A 525 4.83 -13.67 -4.66
C THR A 525 5.26 -13.68 -6.13
N LYS A 526 4.96 -14.78 -6.82
CA LYS A 526 5.30 -14.93 -8.22
C LYS A 526 4.54 -13.91 -9.07
N PHE A 527 3.33 -13.57 -8.63
CA PHE A 527 2.51 -12.61 -9.34
C PHE A 527 3.01 -11.17 -9.14
N LEU A 528 3.27 -10.80 -7.90
CA LEU A 528 3.74 -9.46 -7.59
C LEU A 528 5.08 -9.18 -8.26
N LEU A 529 5.97 -10.17 -8.24
CA LEU A 529 7.28 -10.02 -8.87
C LEU A 529 7.15 -9.91 -10.38
N GLY A 530 6.21 -10.66 -10.95
CA GLY A 530 5.99 -10.64 -12.38
C GLY A 530 5.50 -9.29 -12.85
N ARG A 531 4.55 -8.72 -12.12
CA ARG A 531 3.99 -7.42 -12.45
C ARG A 531 4.99 -6.31 -12.14
N ALA A 532 5.73 -6.48 -11.05
CA ALA A 532 6.73 -5.51 -10.63
C ALA A 532 7.85 -5.38 -11.65
N LEU A 533 8.12 -6.46 -12.37
CA LEU A 533 9.20 -6.49 -13.34
C LEU A 533 8.75 -6.02 -14.72
N ALA A 534 7.43 -5.87 -14.91
CA ALA A 534 6.87 -5.39 -16.16
C ALA A 534 6.48 -3.92 -16.05
N ASN A 535 6.31 -3.46 -14.82
CA ASN A 535 6.03 -2.05 -14.54
C ASN A 535 6.95 -1.56 -13.43
N ARG A 536 7.85 -0.64 -13.77
CA ARG A 536 8.87 -0.18 -12.84
C ARG A 536 8.26 0.65 -11.72
N LYS A 537 7.09 1.23 -11.98
CA LYS A 537 6.39 2.01 -10.98
C LYS A 537 5.82 1.07 -9.91
N ILE A 538 5.35 -0.09 -10.34
CA ILE A 538 4.91 -1.13 -9.42
C ILE A 538 6.11 -1.66 -8.64
N GLY A 539 7.20 -1.92 -9.36
CA GLY A 539 8.41 -2.43 -8.76
C GLY A 539 9.04 -1.46 -7.77
N HIS A 540 8.90 -0.17 -8.05
CA HIS A 540 9.41 0.86 -7.16
C HIS A 540 8.73 0.78 -5.79
N PHE A 541 7.41 0.68 -5.80
CA PHE A 541 6.62 0.68 -4.58
C PHE A 541 6.55 -0.71 -3.96
N LEU A 542 6.74 -1.74 -4.76
CA LEU A 542 6.87 -3.09 -4.21
C LEU A 542 8.10 -3.11 -3.32
N PHE A 543 9.21 -2.59 -3.83
CA PHE A 543 10.47 -2.57 -3.10
C PHE A 543 10.36 -1.84 -1.77
N TRP A 544 9.83 -0.63 -1.80
CA TRP A 544 9.80 0.21 -0.60
C TRP A 544 8.82 -0.32 0.45
N HIS A 545 7.74 -0.94 -0.01
CA HIS A 545 6.78 -1.54 0.90
C HIS A 545 7.42 -2.72 1.64
N LEU A 546 8.33 -3.42 0.96
CA LEU A 546 9.04 -4.54 1.55
C LEU A 546 10.22 -4.06 2.40
N ARG A 547 10.96 -3.08 1.88
CA ARG A 547 12.15 -2.58 2.55
C ARG A 547 11.80 -1.91 3.89
N SER A 548 10.64 -1.28 3.94
CA SER A 548 10.23 -0.52 5.12
C SER A 548 9.93 -1.42 6.33
N GLU A 549 9.82 -2.73 6.09
CA GLU A 549 9.46 -3.68 7.14
C GLU A 549 10.56 -4.69 7.42
N MET A 550 11.76 -4.44 6.89
CA MET A 550 12.88 -5.35 7.10
C MET A 550 13.36 -5.34 8.56
N HIS A 551 12.91 -4.34 9.32
CA HIS A 551 13.22 -4.27 10.74
C HIS A 551 12.30 -5.17 11.55
N VAL A 552 11.29 -5.74 10.89
CA VAL A 552 10.32 -6.62 11.54
C VAL A 552 10.76 -8.07 11.40
N PRO A 553 11.14 -8.73 12.52
CA PRO A 553 11.70 -10.09 12.47
C PRO A 553 10.88 -11.13 11.70
N SER A 554 9.56 -11.13 11.89
CA SER A 554 8.70 -12.18 11.32
C SER A 554 8.65 -12.17 9.80
N VAL A 555 8.82 -11.00 9.18
CA VAL A 555 8.76 -10.89 7.72
C VAL A 555 10.12 -10.57 7.09
N ALA A 556 11.14 -10.39 7.93
CA ALA A 556 12.47 -10.01 7.46
C ALA A 556 13.01 -10.99 6.41
N LEU A 557 12.85 -12.28 6.68
CA LEU A 557 13.34 -13.32 5.78
C LEU A 557 12.61 -13.27 4.43
N ARG A 558 11.28 -13.27 4.48
CA ARG A 558 10.48 -13.30 3.27
C ARG A 558 10.70 -12.05 2.42
N PHE A 559 10.46 -10.89 3.02
CA PHE A 559 10.57 -9.62 2.31
C PHE A 559 11.98 -9.43 1.75
N GLY A 560 12.98 -9.82 2.53
CA GLY A 560 14.37 -9.72 2.09
C GLY A 560 14.63 -10.56 0.86
N LEU A 561 14.02 -11.74 0.81
CA LEU A 561 14.20 -12.66 -0.31
C LEU A 561 13.49 -12.16 -1.56
N ILE A 562 12.30 -11.60 -1.37
CA ILE A 562 11.52 -11.06 -2.49
C ILE A 562 12.29 -9.94 -3.19
N MET A 563 12.85 -9.04 -2.39
CA MET A 563 13.63 -7.93 -2.94
C MET A 563 14.86 -8.42 -3.68
N GLU A 564 15.54 -9.41 -3.11
CA GLU A 564 16.72 -9.99 -3.75
C GLU A 564 16.35 -10.52 -5.12
N ALA A 565 15.24 -11.27 -5.19
CA ALA A 565 14.75 -11.82 -6.45
C ALA A 565 14.49 -10.70 -7.45
N TYR A 566 13.82 -9.64 -6.99
CA TYR A 566 13.48 -8.51 -7.85
C TYR A 566 14.72 -7.84 -8.40
N CYS A 567 15.77 -7.75 -7.58
CA CYS A 567 17.02 -7.12 -7.98
C CYS A 567 17.68 -7.89 -9.12
N ARG A 568 17.57 -9.22 -9.10
CA ARG A 568 18.12 -10.05 -10.17
C ARG A 568 17.46 -9.70 -11.50
N GLY A 569 16.21 -9.23 -11.43
CA GLY A 569 15.44 -8.90 -12.61
C GLY A 569 15.63 -7.48 -13.10
N SER A 570 16.24 -6.64 -12.27
CA SER A 570 16.52 -5.27 -12.65
C SER A 570 17.79 -4.75 -11.98
N THR A 571 18.92 -4.97 -12.64
CA THR A 571 20.21 -4.50 -12.15
C THR A 571 20.23 -2.98 -12.06
N HIS A 572 19.53 -2.33 -12.99
CA HIS A 572 19.56 -0.87 -13.09
C HIS A 572 18.73 -0.18 -12.01
N HIS A 573 17.52 -0.69 -11.76
CA HIS A 573 16.64 -0.05 -10.79
C HIS A 573 17.22 -0.19 -9.39
N MET A 574 17.96 -1.28 -9.17
CA MET A 574 18.66 -1.50 -7.91
C MET A 574 19.62 -0.35 -7.64
N LYS A 575 20.38 0.04 -8.65
CA LYS A 575 21.30 1.17 -8.54
C LYS A 575 20.52 2.46 -8.33
N VAL A 576 19.39 2.58 -9.03
CA VAL A 576 18.52 3.75 -8.90
C VAL A 576 17.93 3.80 -7.49
N LEU A 577 17.62 2.62 -6.95
CA LEU A 577 17.06 2.53 -5.61
C LEU A 577 18.14 2.69 -4.55
N MET A 578 19.36 2.31 -4.89
CA MET A 578 20.51 2.52 -4.02
C MET A 578 20.67 4.01 -3.73
N LYS A 579 20.55 4.83 -4.78
CA LYS A 579 20.68 6.26 -4.65
C LYS A 579 19.62 6.83 -3.72
N GLN A 580 18.41 6.26 -3.78
CA GLN A 580 17.32 6.69 -2.92
C GLN A 580 17.61 6.33 -1.47
N GLY A 581 18.16 5.12 -1.27
CA GLY A 581 18.49 4.67 0.06
C GLY A 581 19.60 5.49 0.68
N GLU A 582 20.59 5.84 -0.14
CA GLU A 582 21.72 6.65 0.31
C GLU A 582 21.26 8.04 0.73
N ALA A 583 20.27 8.56 0.02
CA ALA A 583 19.70 9.88 0.34
C ALA A 583 18.94 9.82 1.66
N LEU A 584 18.14 8.78 1.84
CA LEU A 584 17.39 8.58 3.07
C LEU A 584 18.32 8.36 4.26
N SER A 585 19.48 7.79 3.98
CA SER A 585 20.47 7.50 5.02
C SER A 585 21.03 8.79 5.61
N LYS A 586 21.35 9.75 4.74
CA LYS A 586 21.91 11.02 5.19
C LYS A 586 20.82 11.92 5.77
N LEU A 587 19.59 11.76 5.29
CA LEU A 587 18.45 12.50 5.82
C LEU A 587 18.24 12.16 7.29
N LYS A 588 18.53 10.91 7.65
CA LYS A 588 18.38 10.46 9.03
C LYS A 588 19.49 11.04 9.90
N ALA A 589 20.73 10.98 9.40
CA ALA A 589 21.87 11.54 10.11
C ALA A 589 21.68 13.02 10.34
N LEU A 590 21.17 13.71 9.31
CA LEU A 590 20.89 15.14 9.41
C LEU A 590 19.80 15.40 10.43
N ASN A 591 18.74 14.60 10.38
CA ASN A 591 17.61 14.76 11.31
C ASN A 591 18.07 14.50 12.74
N ASP A 592 18.89 13.48 12.92
CA ASP A 592 19.41 13.15 14.25
C ASP A 592 20.25 14.28 14.81
N PHE A 593 21.05 14.92 13.96
CA PHE A 593 21.85 16.06 14.39
C PHE A 593 20.95 17.23 14.79
N VAL A 594 19.93 17.48 13.98
CA VAL A 594 18.96 18.55 14.27
C VAL A 594 18.28 18.30 15.61
N LYS A 595 18.11 17.02 15.96
CA LYS A 595 17.52 16.67 17.24
C LYS A 595 18.48 17.00 18.38
N VAL A 596 19.76 16.70 18.19
CA VAL A 596 20.77 17.00 19.18
C VAL A 596 20.95 18.50 19.34
N SER A 597 21.01 19.21 18.22
CA SER A 597 21.38 20.61 18.21
C SER A 597 20.29 21.51 18.79
N SER A 598 19.03 21.21 18.50
CA SER A 598 17.90 22.03 18.94
C SER A 598 17.65 21.92 20.44
N GLN A 599 18.22 20.90 21.07
CA GLN A 599 18.12 20.75 22.51
C GLN A 599 19.11 21.64 23.24
N LYS A 600 20.22 21.93 22.58
CA LYS A 600 21.31 22.71 23.17
C LYS A 600 21.23 24.19 22.77
N THR A 601 20.64 24.45 21.60
CA THR A 601 20.55 25.80 21.08
C THR A 601 19.17 26.05 20.45
N THR A 602 19.01 27.20 19.80
CA THR A 602 17.73 27.60 19.23
C THR A 602 17.62 27.31 17.72
N LYS A 603 16.43 27.52 17.18
CA LYS A 603 16.11 27.12 15.81
C LYS A 603 17.02 27.75 14.75
N PRO A 604 17.20 29.09 14.78
CA PRO A 604 17.96 29.72 13.70
C PRO A 604 19.42 29.27 13.65
N GLN A 605 20.00 28.98 14.81
CA GLN A 605 21.38 28.51 14.88
C GLN A 605 21.49 27.09 14.36
N THR A 606 20.51 26.26 14.72
CA THR A 606 20.48 24.87 14.27
C THR A 606 20.15 24.79 12.79
N LYS A 607 19.30 25.71 12.32
CA LYS A 607 18.93 25.75 10.91
C LYS A 607 20.14 26.09 10.06
N GLU A 608 20.95 27.04 10.52
CA GLU A 608 22.11 27.47 9.76
C GLU A 608 23.23 26.45 9.85
N MET A 609 23.28 25.70 10.97
CA MET A 609 24.25 24.63 11.12
C MET A 609 23.72 23.36 10.44
N MET A 610 22.41 23.27 10.30
CA MET A 610 21.80 22.23 9.49
C MET A 610 22.25 22.44 8.05
N HIS A 611 22.28 23.69 7.62
CA HIS A 611 22.67 24.03 6.25
C HIS A 611 24.14 23.71 5.99
N MET A 612 24.99 23.93 6.99
CA MET A 612 26.41 23.64 6.85
C MET A 612 26.64 22.13 6.71
N CYS A 613 25.82 21.36 7.41
CA CYS A 613 25.90 19.91 7.33
C CYS A 613 25.51 19.44 5.92
N MET A 614 24.49 20.08 5.36
CA MET A 614 24.01 19.73 4.02
C MET A 614 24.98 20.20 2.94
N ARG A 615 25.78 21.20 3.26
CA ARG A 615 26.72 21.77 2.29
C ARG A 615 27.97 20.92 2.12
N GLN A 616 28.17 19.96 3.03
CA GLN A 616 29.25 19.00 2.88
C GLN A 616 29.08 18.22 1.58
N GLU A 617 30.20 17.80 0.99
CA GLU A 617 30.17 17.16 -0.32
C GLU A 617 29.38 15.86 -0.32
N THR A 618 29.61 15.03 0.70
CA THR A 618 28.92 13.75 0.81
C THR A 618 27.40 13.94 0.91
N TYR A 619 26.98 15.05 1.51
CA TYR A 619 25.57 15.36 1.64
C TYR A 619 25.01 15.97 0.37
N MET A 620 25.79 16.81 -0.29
CA MET A 620 25.38 17.39 -1.57
C MET A 620 25.26 16.31 -2.63
N GLU A 621 26.27 15.45 -2.70
CA GLU A 621 26.32 14.37 -3.68
C GLU A 621 25.65 13.11 -3.13
N ALA A 622 24.42 13.26 -2.67
CA ALA A 622 23.65 12.15 -2.11
C ALA A 622 22.19 12.54 -2.01
N LEU A 623 21.93 13.76 -1.55
CA LEU A 623 20.58 14.31 -1.50
C LEU A 623 20.16 14.87 -2.87
N SER A 624 21.07 14.82 -3.84
CA SER A 624 20.85 15.44 -5.13
C SER A 624 20.72 14.42 -6.25
N HIS A 625 19.86 14.71 -7.21
CA HIS A 625 19.71 13.92 -8.42
C HIS A 625 19.28 12.49 -8.11
N LEU A 626 18.11 12.36 -7.50
CA LEU A 626 17.50 11.06 -7.26
C LEU A 626 16.02 11.11 -7.64
N GLN A 627 15.45 9.94 -7.92
CA GLN A 627 14.01 9.85 -8.10
C GLN A 627 13.35 9.93 -6.75
N SER A 628 12.24 10.67 -6.66
CA SER A 628 11.50 10.77 -5.41
C SER A 628 10.97 9.40 -5.01
N PRO A 629 11.32 8.92 -3.80
CA PRO A 629 10.72 7.66 -3.36
C PRO A 629 9.21 7.75 -3.30
N LEU A 630 8.70 8.96 -3.05
CA LEU A 630 7.26 9.21 -3.04
C LEU A 630 6.65 9.05 -4.43
N ASP A 631 7.45 9.34 -5.46
CA ASP A 631 6.96 9.33 -6.83
C ASP A 631 8.14 9.21 -7.81
N PRO A 632 8.36 7.99 -8.35
CA PRO A 632 9.56 7.78 -9.18
C PRO A 632 9.62 8.68 -10.42
N SER A 633 8.47 9.16 -10.89
CA SER A 633 8.42 10.03 -12.05
C SER A 633 8.87 11.46 -11.67
N THR A 634 8.73 11.79 -10.39
CA THR A 634 9.20 13.06 -9.87
C THR A 634 10.71 12.99 -9.60
N LEU A 635 11.45 13.87 -10.25
CA LEU A 635 12.90 13.94 -10.07
C LEU A 635 13.28 14.98 -9.02
N LEU A 636 14.21 14.62 -8.16
CA LEU A 636 14.75 15.54 -7.15
C LEU A 636 16.19 15.87 -7.53
N GLU A 637 16.37 17.00 -8.21
CA GLU A 637 17.66 17.34 -8.81
C GLU A 637 18.54 18.14 -7.85
N GLU A 638 18.40 19.46 -7.87
CA GLU A 638 19.23 20.34 -7.06
C GLU A 638 18.57 20.61 -5.72
N VAL A 639 19.24 20.23 -4.63
CA VAL A 639 18.74 20.52 -3.29
C VAL A 639 18.98 21.99 -2.98
N CYS A 640 17.91 22.71 -2.64
N CYS A 640 17.91 22.71 -2.64
CA CYS A 640 18.01 24.13 -2.34
CA CYS A 640 17.99 24.14 -2.33
C CYS A 640 18.21 24.35 -0.84
C CYS A 640 18.21 24.35 -0.84
N VAL A 641 19.46 24.21 -0.41
CA VAL A 641 19.83 24.25 1.01
C VAL A 641 19.29 25.48 1.76
N GLU A 642 19.34 26.64 1.12
CA GLU A 642 18.87 27.86 1.76
C GLU A 642 17.39 27.79 2.15
N GLN A 643 16.63 27.00 1.41
CA GLN A 643 15.19 26.87 1.64
C GLN A 643 14.84 25.73 2.59
N CYS A 644 15.83 24.90 2.93
CA CYS A 644 15.59 23.76 3.81
C CYS A 644 15.49 24.20 5.26
N THR A 645 14.79 23.40 6.06
CA THR A 645 14.60 23.70 7.48
C THR A 645 13.98 22.51 8.20
N PHE A 646 13.51 22.74 9.42
CA PHE A 646 12.85 21.72 10.21
C PHE A 646 11.75 22.33 11.06
N MET A 647 10.80 21.52 11.49
CA MET A 647 9.72 21.97 12.36
C MET A 647 10.12 21.75 13.81
N ASP A 648 9.61 22.60 14.71
CA ASP A 648 9.94 22.49 16.12
C ASP A 648 8.96 21.58 16.85
N SER A 649 8.53 20.52 16.17
CA SER A 649 7.74 19.47 16.81
C SER A 649 8.64 18.70 17.76
N LYS A 650 8.12 17.63 18.36
CA LYS A 650 8.94 16.81 19.24
C LYS A 650 9.90 15.93 18.46
N MET A 651 9.53 15.60 17.22
CA MET A 651 10.34 14.71 16.38
C MET A 651 11.24 15.47 15.40
N LYS A 652 11.14 16.80 15.39
CA LYS A 652 11.96 17.64 14.52
C LYS A 652 12.01 17.13 13.08
N PRO A 653 10.83 17.05 12.42
CA PRO A 653 10.79 16.59 11.03
C PRO A 653 11.43 17.60 10.08
N LEU A 654 12.18 17.12 9.10
CA LEU A 654 12.91 17.99 8.19
C LEU A 654 12.06 18.47 7.03
N TRP A 655 12.43 19.62 6.48
CA TRP A 655 11.77 20.22 5.32
C TRP A 655 12.82 20.45 4.24
N ILE A 656 12.79 19.62 3.20
CA ILE A 656 13.79 19.67 2.13
C ILE A 656 13.15 20.14 0.82
N MET A 657 13.73 21.19 0.24
CA MET A 657 13.24 21.76 -1.02
C MET A 657 14.19 21.44 -2.18
N TYR A 658 13.63 21.37 -3.38
CA TYR A 658 14.39 21.07 -4.58
C TYR A 658 14.06 22.03 -5.72
N SER A 659 14.90 22.01 -6.75
CA SER A 659 14.68 22.81 -7.95
C SER A 659 15.30 22.10 -9.15
N SER A 660 14.69 22.23 -10.31
CA SER A 660 15.13 21.53 -11.52
C SER A 660 15.39 22.48 -12.67
N GLU A 661 16.65 22.60 -13.05
CA GLU A 661 17.08 23.37 -14.22
C GLU A 661 16.62 22.73 -15.54
N GLU A 662 15.30 22.57 -15.68
CA GLU A 662 14.69 22.00 -16.87
C GLU A 662 13.17 22.00 -16.74
N ALA A 663 12.69 21.40 -15.65
CA ALA A 663 11.26 21.32 -15.39
C ALA A 663 10.66 22.70 -15.13
N GLY A 664 11.51 23.67 -14.85
CA GLY A 664 11.07 25.02 -14.57
C GLY A 664 10.40 25.11 -13.21
N SER A 665 9.08 25.26 -13.22
CA SER A 665 8.30 25.34 -11.98
C SER A 665 7.85 23.96 -11.53
N ALA A 666 7.69 23.04 -12.49
CA ALA A 666 7.31 21.67 -12.19
C ALA A 666 8.41 20.96 -11.40
N GLY A 667 9.61 21.53 -11.43
CA GLY A 667 10.75 20.97 -10.72
C GLY A 667 10.94 21.55 -9.33
N ASN A 668 10.21 22.60 -9.02
CA ASN A 668 10.18 23.13 -7.67
C ASN A 668 9.30 22.26 -6.79
N VAL A 669 9.92 21.34 -6.06
CA VAL A 669 9.22 20.38 -5.24
C VAL A 669 9.93 20.17 -3.92
N GLY A 670 9.19 19.76 -2.90
CA GLY A 670 9.75 19.53 -1.59
C GLY A 670 9.30 18.22 -0.98
N ILE A 671 10.09 17.72 -0.04
CA ILE A 671 9.75 16.51 0.70
C ILE A 671 9.96 16.71 2.20
N ILE A 672 9.18 15.99 2.99
CA ILE A 672 9.26 16.06 4.45
C ILE A 672 9.80 14.75 4.99
N PHE A 673 10.96 14.83 5.66
CA PHE A 673 11.53 13.66 6.32
C PHE A 673 11.08 13.63 7.77
N LYS A 674 10.53 12.49 8.17
CA LYS A 674 10.04 12.29 9.53
C LYS A 674 10.61 11.00 10.10
N ASN A 675 11.17 11.08 11.31
CA ASN A 675 11.78 9.93 11.96
C ASN A 675 11.40 9.87 13.43
N GLY A 676 10.56 8.88 13.78
CA GLY A 676 10.13 8.69 15.14
C GLY A 676 8.67 8.25 15.23
N ASP A 677 7.90 8.53 14.19
CA ASP A 677 6.48 8.18 14.16
C ASP A 677 6.19 7.11 13.11
N ASP A 678 5.11 6.37 13.33
CA ASP A 678 4.66 5.36 12.39
C ASP A 678 3.79 6.01 11.32
N LEU A 679 4.24 5.95 10.08
CA LEU A 679 3.55 6.63 8.97
C LEU A 679 2.75 5.66 8.10
N ARG A 680 2.52 4.45 8.60
CA ARG A 680 1.80 3.45 7.84
C ARG A 680 0.30 3.76 7.79
N GLN A 681 -0.24 4.22 8.90
CA GLN A 681 -1.67 4.52 8.98
C GLN A 681 -2.00 5.79 8.19
N ASP A 682 -1.05 6.71 8.15
CA ASP A 682 -1.20 7.93 7.37
C ASP A 682 -1.22 7.61 5.88
N MET A 683 -0.32 6.74 5.45
CA MET A 683 -0.27 6.30 4.07
C MET A 683 -1.57 5.60 3.68
N LEU A 684 -2.10 4.81 4.60
CA LEU A 684 -3.33 4.07 4.36
C LEU A 684 -4.51 5.01 4.13
N THR A 685 -4.66 5.97 5.03
CA THR A 685 -5.75 6.94 4.94
C THR A 685 -5.69 7.70 3.62
N LEU A 686 -4.48 8.04 3.20
CA LEU A 686 -4.28 8.77 1.95
C LEU A 686 -4.51 7.88 0.73
N GLN A 687 -4.44 6.56 0.94
CA GLN A 687 -4.67 5.61 -0.15
C GLN A 687 -6.17 5.46 -0.41
N MET A 688 -6.95 5.62 0.66
CA MET A 688 -8.40 5.51 0.57
C MET A 688 -9.00 6.81 0.07
N ILE A 689 -8.45 7.93 0.53
CA ILE A 689 -8.87 9.25 0.06
C ILE A 689 -8.59 9.34 -1.43
N GLN A 690 -7.44 8.83 -1.86
CA GLN A 690 -7.10 8.78 -3.27
C GLN A 690 -8.11 7.92 -4.02
N LEU A 691 -8.48 6.79 -3.42
CA LEU A 691 -9.46 5.89 -4.03
C LEU A 691 -10.82 6.59 -4.13
N MET A 692 -11.23 7.23 -3.04
CA MET A 692 -12.45 8.03 -3.03
C MET A 692 -12.43 9.03 -4.18
N ASP A 693 -11.29 9.70 -4.35
CA ASP A 693 -11.12 10.68 -5.41
C ASP A 693 -11.26 10.03 -6.79
N VAL A 694 -10.74 8.81 -6.93
CA VAL A 694 -10.83 8.09 -8.20
C VAL A 694 -12.27 7.67 -8.47
N LEU A 695 -12.93 7.08 -7.47
CA LEU A 695 -14.30 6.64 -7.62
C LEU A 695 -15.20 7.83 -7.98
N TRP A 696 -14.99 8.95 -7.30
CA TRP A 696 -15.74 10.17 -7.57
C TRP A 696 -15.46 10.67 -8.98
N LYS A 697 -14.19 10.65 -9.37
CA LYS A 697 -13.79 11.12 -10.69
C LYS A 697 -14.28 10.19 -11.80
N GLN A 698 -14.50 8.93 -11.47
CA GLN A 698 -15.00 7.96 -12.44
C GLN A 698 -16.52 8.01 -12.55
N GLU A 699 -17.10 9.14 -12.15
CA GLU A 699 -18.51 9.42 -12.37
C GLU A 699 -18.74 10.90 -12.69
N GLY A 700 -17.65 11.65 -12.87
CA GLY A 700 -17.73 13.04 -13.26
C GLY A 700 -17.66 14.02 -12.09
N LEU A 701 -17.38 13.50 -10.90
CA LEU A 701 -17.28 14.32 -9.70
C LEU A 701 -15.83 14.57 -9.33
N ASP A 702 -15.39 15.81 -9.49
CA ASP A 702 -14.04 16.22 -9.09
C ASP A 702 -14.12 17.18 -7.92
N LEU A 703 -13.82 16.67 -6.73
CA LEU A 703 -13.90 17.47 -5.52
C LEU A 703 -12.54 18.07 -5.15
N ARG A 704 -11.65 18.14 -6.13
CA ARG A 704 -10.37 18.85 -5.98
C ARG A 704 -9.58 18.35 -4.78
N MET A 705 -9.57 17.04 -4.57
CA MET A 705 -8.89 16.45 -3.43
C MET A 705 -7.37 16.59 -3.58
N THR A 706 -6.67 16.56 -2.45
CA THR A 706 -5.21 16.66 -2.43
C THR A 706 -4.61 15.44 -1.74
N PRO A 707 -4.65 14.28 -2.41
CA PRO A 707 -4.06 13.06 -1.86
C PRO A 707 -2.54 13.06 -2.02
N TYR A 708 -1.85 13.74 -1.10
CA TYR A 708 -0.40 13.89 -1.20
C TYR A 708 0.32 12.59 -0.85
N GLY A 709 1.56 12.48 -1.31
CA GLY A 709 2.34 11.27 -1.11
C GLY A 709 2.69 11.01 0.35
N CYS A 710 2.74 9.74 0.70
CA CYS A 710 3.19 9.32 2.02
C CYS A 710 3.73 7.90 1.95
N LEU A 711 5.01 7.75 2.29
CA LEU A 711 5.68 6.46 2.12
C LEU A 711 6.64 6.17 3.28
N PRO A 712 6.29 5.16 4.10
CA PRO A 712 7.30 4.64 5.04
C PRO A 712 8.46 4.00 4.28
N THR A 713 9.68 4.29 4.70
CA THR A 713 10.87 3.76 4.05
C THR A 713 11.66 2.86 4.99
N GLY A 714 11.37 2.97 6.29
CA GLY A 714 12.05 2.18 7.29
C GLY A 714 11.32 2.21 8.62
N ASP A 715 12.01 1.80 9.68
CA ASP A 715 11.42 1.75 11.01
C ASP A 715 11.04 3.14 11.50
N ARG A 716 9.74 3.41 11.55
CA ARG A 716 9.22 4.70 11.99
C ARG A 716 9.82 5.84 11.16
N THR A 717 10.22 5.49 9.94
CA THR A 717 10.87 6.43 9.02
C THR A 717 10.13 6.43 7.69
N GLY A 718 9.79 7.62 7.20
CA GLY A 718 9.14 7.75 5.92
C GLY A 718 9.19 9.17 5.38
N LEU A 719 8.57 9.36 4.21
CA LEU A 719 8.55 10.66 3.56
C LEU A 719 7.12 11.14 3.32
N ILE A 720 6.95 12.45 3.23
CA ILE A 720 5.67 13.07 2.93
C ILE A 720 5.87 14.15 1.87
N GLU A 721 5.07 14.11 0.82
CA GLU A 721 5.15 15.10 -0.26
C GLU A 721 4.70 16.47 0.23
N VAL A 722 5.50 17.49 -0.04
CA VAL A 722 5.15 18.86 0.31
C VAL A 722 4.08 19.39 -0.63
N VAL A 723 2.94 19.77 -0.06
CA VAL A 723 1.92 20.49 -0.80
C VAL A 723 2.28 21.97 -0.81
N LEU A 724 2.83 22.41 -1.92
CA LEU A 724 3.33 23.78 -2.05
C LEU A 724 2.19 24.79 -2.06
N HIS A 725 2.51 26.03 -1.71
CA HIS A 725 1.57 27.15 -1.75
C HIS A 725 0.34 26.86 -0.89
N SER A 726 0.57 26.47 0.35
CA SER A 726 -0.51 26.21 1.30
C SER A 726 -0.11 26.65 2.69
N ASP A 727 -1.08 26.69 3.59
CA ASP A 727 -0.84 27.12 4.96
C ASP A 727 -1.92 26.56 5.88
N THR A 728 -1.55 26.31 7.13
CA THR A 728 -2.50 25.82 8.13
C THR A 728 -3.59 26.86 8.38
N ILE A 729 -4.78 26.39 8.74
CA ILE A 729 -5.86 27.29 9.12
C ILE A 729 -5.47 28.02 10.40
N ALA A 730 -4.65 27.35 11.22
CA ALA A 730 -4.17 27.95 12.47
C ALA A 730 -3.43 29.25 12.20
N ASN A 731 -2.49 29.23 11.26
CA ASN A 731 -1.72 30.41 10.91
C ASN A 731 -2.59 31.50 10.27
N ILE A 732 -3.63 31.10 9.57
CA ILE A 732 -4.53 32.04 8.92
C ILE A 732 -5.49 32.66 9.94
N GLN A 733 -6.12 31.81 10.73
CA GLN A 733 -7.04 32.28 11.76
C GLN A 733 -6.30 32.97 12.90
N LEU A 734 -5.00 32.66 13.05
CA LEU A 734 -4.13 33.37 13.97
C LEU A 734 -4.25 34.86 13.69
N ASN A 735 -4.39 35.19 12.41
CA ASN A 735 -4.67 36.55 11.97
C ASN A 735 -3.46 37.47 12.22
N LYS A 736 -2.35 37.17 11.54
CA LYS A 736 -1.15 37.99 11.65
C LYS A 736 -1.47 39.45 11.32
N SER A 737 -0.90 40.36 12.11
CA SER A 737 -1.23 41.78 12.00
C SER A 737 -0.62 42.44 10.76
N ASN A 738 -1.38 43.36 10.19
CA ASN A 738 -1.00 44.06 8.96
C ASN A 738 -0.55 43.08 7.87
N MET A 739 -1.40 42.08 7.64
CA MET A 739 -1.24 41.16 6.53
C MET A 739 -2.59 41.03 5.84
N ALA A 740 -2.58 40.70 4.55
CA ALA A 740 -3.77 40.80 3.72
C ALA A 740 -4.99 40.03 4.28
N ALA A 741 -4.76 39.18 5.27
CA ALA A 741 -5.85 38.50 5.97
C ALA A 741 -6.22 39.26 7.26
N THR A 742 -5.86 40.53 7.32
CA THR A 742 -6.23 41.40 8.44
C THR A 742 -7.74 41.55 8.51
N ALA A 743 -8.35 40.91 9.50
CA ALA A 743 -9.80 40.84 9.60
C ALA A 743 -10.33 41.54 10.85
N ALA A 744 -11.57 42.03 10.74
CA ALA A 744 -12.27 42.65 11.86
C ALA A 744 -12.86 41.58 12.76
N PHE A 745 -13.16 40.41 12.17
CA PHE A 745 -13.70 39.28 12.90
C PHE A 745 -12.96 38.01 12.52
N ASN A 746 -12.86 37.09 13.47
CA ASN A 746 -12.18 35.81 13.26
C ASN A 746 -12.80 35.05 12.09
N LYS A 747 -14.10 35.23 11.92
CA LYS A 747 -14.87 34.55 10.89
C LYS A 747 -14.39 34.90 9.47
N ASP A 748 -13.69 36.02 9.35
CA ASP A 748 -13.28 36.53 8.04
C ASP A 748 -11.82 36.21 7.69
N ALA A 749 -11.05 35.72 8.67
CA ALA A 749 -9.62 35.49 8.49
C ALA A 749 -9.33 34.56 7.31
N LEU A 750 -10.20 33.59 7.10
CA LEU A 750 -10.01 32.63 6.01
C LEU A 750 -10.41 33.24 4.67
N LEU A 751 -11.59 33.87 4.64
CA LEU A 751 -12.11 34.43 3.40
C LEU A 751 -11.27 35.62 2.94
N ASN A 752 -10.64 36.32 3.88
CA ASN A 752 -9.73 37.40 3.53
C ASN A 752 -8.42 36.86 2.98
N TRP A 753 -7.97 35.74 3.54
CA TRP A 753 -6.76 35.07 3.08
C TRP A 753 -6.89 34.64 1.63
N LEU A 754 -8.08 34.16 1.26
CA LEU A 754 -8.36 33.74 -0.10
C LEU A 754 -8.45 34.94 -1.03
N LYS A 755 -9.13 35.99 -0.58
CA LYS A 755 -9.29 37.21 -1.37
C LYS A 755 -7.94 37.85 -1.67
N SER A 756 -6.97 37.64 -0.79
CA SER A 756 -5.63 38.18 -0.98
C SER A 756 -4.87 37.35 -2.02
N LYS A 757 -5.17 36.07 -2.09
CA LYS A 757 -4.50 35.15 -3.00
C LYS A 757 -5.27 35.00 -4.31
N ASN A 758 -6.54 35.44 -4.30
CA ASN A 758 -7.41 35.31 -5.47
C ASN A 758 -8.15 36.61 -5.77
N PRO A 759 -7.50 37.54 -6.50
CA PRO A 759 -8.07 38.86 -6.81
C PRO A 759 -9.43 38.84 -7.51
N GLY A 760 -10.39 39.58 -6.93
CA GLY A 760 -11.68 39.86 -7.54
C GLY A 760 -12.40 38.69 -8.19
N GLU A 761 -12.19 38.53 -9.50
CA GLU A 761 -12.91 37.52 -10.27
C GLU A 761 -12.31 36.13 -10.07
N ALA A 762 -11.01 36.08 -9.79
CA ALA A 762 -10.34 34.81 -9.51
C ALA A 762 -10.84 34.19 -8.21
N LEU A 763 -11.50 35.02 -7.39
CA LEU A 763 -12.03 34.56 -6.12
C LEU A 763 -13.15 33.54 -6.31
N ASP A 764 -14.05 33.82 -7.26
CA ASP A 764 -15.21 32.98 -7.52
C ASP A 764 -14.83 31.51 -7.67
N ARG A 765 -13.67 31.26 -8.26
CA ARG A 765 -13.20 29.90 -8.46
C ARG A 765 -12.56 29.36 -7.19
N ALA A 766 -11.96 30.25 -6.40
CA ALA A 766 -11.34 29.84 -5.14
C ALA A 766 -12.40 29.38 -4.15
N ILE A 767 -13.54 30.07 -4.13
CA ILE A 767 -14.65 29.67 -3.29
C ILE A 767 -15.17 28.31 -3.73
N GLU A 768 -15.10 28.06 -5.04
CA GLU A 768 -15.58 26.80 -5.60
C GLU A 768 -14.65 25.64 -5.26
N GLU A 769 -13.34 25.88 -5.41
CA GLU A 769 -12.34 24.90 -5.01
C GLU A 769 -12.52 24.53 -3.55
N PHE A 770 -12.78 25.54 -2.73
CA PHE A 770 -12.97 25.37 -1.30
C PHE A 770 -14.22 24.53 -1.00
N THR A 771 -15.34 24.93 -1.59
CA THR A 771 -16.61 24.26 -1.34
C THR A 771 -16.55 22.79 -1.71
N LEU A 772 -15.93 22.49 -2.84
CA LEU A 772 -15.83 21.12 -3.33
C LEU A 772 -14.87 20.29 -2.49
N SER A 773 -13.69 20.85 -2.24
CA SER A 773 -12.68 20.17 -1.43
C SER A 773 -13.19 19.97 0.00
N CYS A 774 -13.94 20.95 0.49
CA CYS A 774 -14.52 20.86 1.83
C CYS A 774 -15.49 19.69 1.90
N ALA A 775 -16.41 19.63 0.93
CA ALA A 775 -17.39 18.56 0.86
C ALA A 775 -16.72 17.18 0.81
N GLY A 776 -15.69 17.07 -0.01
CA GLY A 776 -14.99 15.80 -0.19
C GLY A 776 -14.35 15.28 1.09
N TYR A 777 -13.68 16.18 1.81
CA TYR A 777 -12.98 15.79 3.04
C TYR A 777 -13.93 15.62 4.21
N CYS A 778 -15.08 16.29 4.15
CA CYS A 778 -16.13 16.06 5.15
C CYS A 778 -16.62 14.62 5.05
N VAL A 779 -16.85 14.17 3.83
CA VAL A 779 -17.30 12.81 3.57
C VAL A 779 -16.21 11.81 3.95
N ALA A 780 -15.00 12.03 3.43
CA ALA A 780 -13.87 11.16 3.71
C ALA A 780 -13.61 11.06 5.21
N THR A 781 -13.68 12.20 5.89
CA THR A 781 -13.53 12.25 7.34
C THR A 781 -14.57 11.38 8.04
N TYR A 782 -15.81 11.47 7.55
CA TYR A 782 -16.91 10.73 8.16
C TYR A 782 -16.81 9.23 7.91
N VAL A 783 -16.57 8.85 6.66
CA VAL A 783 -16.50 7.45 6.28
C VAL A 783 -15.37 6.74 7.03
N LEU A 784 -14.19 7.36 7.06
CA LEU A 784 -13.02 6.75 7.66
C LEU A 784 -12.97 6.97 9.17
N GLY A 785 -13.76 7.93 9.65
CA GLY A 785 -13.82 8.20 11.08
C GLY A 785 -12.56 8.86 11.60
N ILE A 786 -11.92 9.66 10.76
CA ILE A 786 -10.73 10.41 11.14
C ILE A 786 -11.09 11.42 12.23
N GLY A 787 -10.57 11.18 13.44
CA GLY A 787 -10.85 12.03 14.58
C GLY A 787 -9.71 12.96 14.90
N ASP A 788 -9.89 13.74 15.97
CA ASP A 788 -8.88 14.70 16.42
C ASP A 788 -8.54 15.69 15.30
N ARG A 789 -9.57 16.33 14.77
CA ARG A 789 -9.39 17.36 13.75
C ARG A 789 -9.40 18.73 14.42
N HIS A 790 -8.46 19.59 14.02
CA HIS A 790 -8.36 20.94 14.57
C HIS A 790 -7.60 21.86 13.63
N SER A 791 -7.57 23.15 13.96
CA SER A 791 -7.11 24.20 13.05
C SER A 791 -5.68 24.02 12.52
N ASP A 792 -4.90 23.13 13.13
CA ASP A 792 -3.48 22.98 12.76
C ASP A 792 -3.16 21.66 12.05
N ASN A 793 -4.17 20.83 11.80
CA ASN A 793 -4.00 19.66 10.94
C ASN A 793 -4.96 19.70 9.75
N ILE A 794 -5.66 20.82 9.59
CA ILE A 794 -6.37 21.13 8.36
C ILE A 794 -5.60 22.25 7.66
N MET A 795 -5.32 22.06 6.37
CA MET A 795 -4.59 23.06 5.59
C MET A 795 -5.41 23.50 4.39
N ILE A 796 -5.02 24.62 3.80
CA ILE A 796 -5.71 25.19 2.66
C ILE A 796 -4.71 25.69 1.62
N ARG A 797 -4.96 25.36 0.36
CA ARG A 797 -4.14 25.81 -0.74
C ARG A 797 -4.59 27.18 -1.22
N GLU A 798 -3.67 27.95 -1.78
CA GLU A 798 -3.97 29.27 -2.32
C GLU A 798 -4.99 29.17 -3.46
N SER A 799 -5.13 27.97 -4.01
CA SER A 799 -6.16 27.69 -5.01
C SER A 799 -7.55 27.75 -4.38
N GLY A 800 -7.61 27.52 -3.07
CA GLY A 800 -8.85 27.46 -2.34
C GLY A 800 -9.12 26.06 -1.81
N GLN A 801 -8.37 25.09 -2.34
CA GLN A 801 -8.56 23.69 -1.96
C GLN A 801 -8.10 23.39 -0.55
N LEU A 802 -9.02 22.94 0.29
N LEU A 802 -8.99 22.91 0.31
CA LEU A 802 -8.72 22.43 1.61
CA LEU A 802 -8.62 22.52 1.66
C LEU A 802 -8.12 21.03 1.51
C LEU A 802 -8.38 21.01 1.72
N PHE A 803 -7.44 20.60 2.56
CA PHE A 803 -7.02 19.21 2.67
C PHE A 803 -6.56 18.89 4.08
N HIS A 804 -6.73 17.63 4.48
CA HIS A 804 -6.39 17.18 5.81
C HIS A 804 -4.97 16.61 5.86
N ILE A 805 -4.35 16.71 7.04
CA ILE A 805 -3.04 16.11 7.28
C ILE A 805 -3.03 15.45 8.65
N ASP A 806 -1.91 14.83 9.00
CA ASP A 806 -1.72 14.24 10.31
C ASP A 806 -2.84 13.26 10.67
N PHE A 807 -2.80 12.08 10.04
CA PHE A 807 -3.81 11.05 10.28
C PHE A 807 -3.30 10.02 11.29
N GLY A 808 -3.45 10.35 12.57
CA GLY A 808 -2.97 9.49 13.63
C GLY A 808 -4.00 8.45 14.07
N HIS A 809 -5.27 8.86 14.08
CA HIS A 809 -6.35 7.99 14.52
C HIS A 809 -7.51 8.03 13.53
N PHE A 810 -8.10 6.86 13.28
CA PHE A 810 -9.28 6.78 12.42
C PHE A 810 -10.22 5.67 12.89
N LEU A 811 -11.31 5.47 12.14
CA LEU A 811 -12.33 4.48 12.49
C LEU A 811 -12.92 4.75 13.87
N GLY A 812 -13.05 6.02 14.22
CA GLY A 812 -13.69 6.43 15.45
C GLY A 812 -12.74 6.63 16.62
N ASN A 813 -11.56 6.03 16.53
CA ASN A 813 -10.57 6.10 17.61
C ASN A 813 -9.97 7.49 17.75
N THR A 830 -18.24 23.85 11.70
CA THR A 830 -17.94 25.17 12.22
C THR A 830 -18.19 26.24 11.16
N TYR A 831 -18.75 27.37 11.58
CA TYR A 831 -19.15 28.42 10.65
C TYR A 831 -17.98 29.33 10.25
N ASP A 832 -16.85 28.71 9.96
CA ASP A 832 -15.73 29.37 9.30
C ASP A 832 -15.65 28.84 7.87
N PHE A 833 -16.07 27.60 7.70
CA PHE A 833 -16.17 26.99 6.38
C PHE A 833 -17.50 27.38 5.74
N VAL A 834 -18.58 27.28 6.49
CA VAL A 834 -19.90 27.67 6.02
C VAL A 834 -19.89 29.12 5.54
N HIS A 835 -19.12 29.95 6.24
CA HIS A 835 -19.03 31.36 5.89
C HIS A 835 -18.39 31.56 4.51
N VAL A 836 -17.32 30.80 4.25
CA VAL A 836 -16.65 30.85 2.96
C VAL A 836 -17.57 30.28 1.88
N ILE A 837 -18.17 29.12 2.17
CA ILE A 837 -19.07 28.47 1.23
C ILE A 837 -20.23 29.38 0.87
N GLN A 838 -20.71 30.14 1.85
CA GLN A 838 -21.83 31.06 1.63
C GLN A 838 -21.35 32.45 1.21
N GLN A 839 -20.08 32.52 0.79
CA GLN A 839 -19.52 33.75 0.21
C GLN A 839 -19.50 34.92 1.20
N GLY A 840 -19.73 34.63 2.48
CA GLY A 840 -19.76 35.65 3.51
C GLY A 840 -21.17 36.01 3.94
N LYS A 841 -22.09 36.03 2.97
CA LYS A 841 -23.50 36.31 3.23
C LYS A 841 -24.03 35.39 4.32
N THR A 842 -24.80 35.96 5.25
CA THR A 842 -25.33 35.20 6.38
C THR A 842 -26.34 34.16 5.89
N ASN A 843 -27.16 34.56 4.92
CA ASN A 843 -28.14 33.68 4.34
C ASN A 843 -27.91 33.49 2.84
N ASN A 844 -27.28 32.37 2.48
CA ASN A 844 -27.13 31.97 1.08
C ASN A 844 -27.46 30.49 0.97
N SER A 845 -28.73 30.16 1.14
CA SER A 845 -29.20 28.78 1.12
C SER A 845 -28.82 28.08 -0.18
N GLU A 846 -28.96 28.79 -1.30
CA GLU A 846 -28.70 28.21 -2.61
C GLU A 846 -27.24 27.77 -2.75
N LYS A 847 -26.33 28.47 -2.09
CA LYS A 847 -24.91 28.12 -2.12
C LYS A 847 -24.55 27.12 -1.02
N PHE A 848 -25.41 27.01 -0.01
CA PHE A 848 -25.21 26.06 1.06
C PHE A 848 -25.84 24.71 0.73
N GLU A 849 -26.95 24.75 0.01
CA GLU A 849 -27.66 23.53 -0.38
C GLU A 849 -26.89 22.79 -1.47
N ARG A 850 -26.12 23.53 -2.26
CA ARG A 850 -25.29 22.92 -3.30
C ARG A 850 -24.07 22.24 -2.67
N PHE A 851 -23.63 22.77 -1.53
CA PHE A 851 -22.57 22.12 -0.76
C PHE A 851 -23.11 20.84 -0.15
N ARG A 852 -24.28 20.94 0.48
CA ARG A 852 -24.98 19.77 1.02
C ARG A 852 -25.21 18.76 -0.10
N GLY A 853 -25.39 19.25 -1.32
CA GLY A 853 -25.58 18.40 -2.47
C GLY A 853 -24.32 17.63 -2.83
N TYR A 854 -23.18 18.33 -2.80
CA TYR A 854 -21.89 17.71 -3.10
C TYR A 854 -21.60 16.57 -2.13
N CYS A 855 -21.85 16.82 -0.84
CA CYS A 855 -21.59 15.83 0.19
C CYS A 855 -22.41 14.56 -0.01
N GLU A 856 -23.70 14.73 -0.25
CA GLU A 856 -24.63 13.61 -0.36
C GLU A 856 -24.30 12.69 -1.53
N ARG A 857 -24.07 13.26 -2.70
CA ARG A 857 -23.73 12.47 -3.88
C ARG A 857 -22.37 11.80 -3.68
N ALA A 858 -21.46 12.50 -3.02
CA ALA A 858 -20.14 11.96 -2.74
C ALA A 858 -20.23 10.78 -1.79
N TYR A 859 -21.28 10.74 -0.98
CA TYR A 859 -21.48 9.66 -0.03
C TYR A 859 -22.10 8.43 -0.69
N THR A 860 -23.02 8.65 -1.62
CA THR A 860 -23.68 7.56 -2.31
C THR A 860 -22.72 6.79 -3.21
N ILE A 861 -21.84 7.52 -3.89
CA ILE A 861 -20.88 6.90 -4.80
C ILE A 861 -19.96 5.95 -4.05
N LEU A 862 -19.62 6.30 -2.81
CA LEU A 862 -18.77 5.44 -1.98
C LEU A 862 -19.54 4.23 -1.50
N ARG A 863 -20.83 4.41 -1.21
CA ARG A 863 -21.68 3.31 -0.75
C ARG A 863 -21.80 2.21 -1.80
N ARG A 864 -21.90 2.61 -3.06
CA ARG A 864 -22.00 1.65 -4.16
C ARG A 864 -20.68 0.89 -4.34
N HIS A 865 -19.62 1.42 -3.73
CA HIS A 865 -18.31 0.77 -3.75
C HIS A 865 -17.89 0.40 -2.33
N GLY A 866 -18.85 0.33 -1.42
CA GLY A 866 -18.58 0.06 -0.03
C GLY A 866 -17.86 -1.26 0.22
N LEU A 867 -18.12 -2.24 -0.64
CA LEU A 867 -17.51 -3.56 -0.49
C LEU A 867 -16.04 -3.55 -0.90
N LEU A 868 -15.68 -2.61 -1.77
CA LEU A 868 -14.28 -2.45 -2.17
C LEU A 868 -13.47 -2.03 -0.95
N PHE A 869 -13.93 -0.99 -0.27
CA PHE A 869 -13.27 -0.50 0.94
C PHE A 869 -13.27 -1.57 2.02
N LEU A 870 -14.36 -2.33 2.09
CA LEU A 870 -14.51 -3.35 3.12
C LEU A 870 -13.46 -4.44 2.98
N HIS A 871 -13.38 -5.05 1.80
CA HIS A 871 -12.44 -6.14 1.55
C HIS A 871 -10.99 -5.67 1.73
N LEU A 872 -10.71 -4.45 1.28
CA LEU A 872 -9.36 -3.90 1.38
C LEU A 872 -8.92 -3.71 2.82
N PHE A 873 -9.82 -3.19 3.66
CA PHE A 873 -9.51 -2.98 5.07
C PHE A 873 -9.36 -4.31 5.80
N ALA A 874 -10.09 -5.32 5.34
CA ALA A 874 -10.02 -6.65 5.93
C ALA A 874 -8.67 -7.29 5.63
N LEU A 875 -8.04 -6.87 4.53
CA LEU A 875 -6.72 -7.35 4.16
C LEU A 875 -5.63 -6.57 4.90
N MET A 876 -5.96 -5.36 5.32
CA MET A 876 -5.00 -4.52 6.04
C MET A 876 -4.88 -4.93 7.50
N ARG A 877 -5.75 -5.84 7.92
CA ARG A 877 -5.68 -6.40 9.26
C ARG A 877 -4.33 -7.10 9.46
N ALA A 878 -3.71 -7.49 8.34
CA ALA A 878 -2.43 -8.17 8.34
C ALA A 878 -1.27 -7.22 8.63
N ALA A 879 -1.56 -5.94 8.85
CA ALA A 879 -0.54 -4.93 9.08
C ALA A 879 -0.22 -4.78 10.57
N GLY A 880 -1.16 -5.18 11.41
CA GLY A 880 -0.98 -5.06 12.85
C GLY A 880 -1.09 -3.62 13.31
N LEU A 881 -1.80 -2.80 12.54
CA LEU A 881 -2.10 -1.44 12.94
C LEU A 881 -2.94 -1.49 14.22
N PRO A 882 -2.48 -0.82 15.30
CA PRO A 882 -3.27 -0.78 16.54
C PRO A 882 -4.73 -0.38 16.32
N GLU A 883 -4.96 0.57 15.42
CA GLU A 883 -6.29 1.09 15.16
C GLU A 883 -7.10 0.20 14.22
N LEU A 884 -6.46 -0.84 13.69
CA LEU A 884 -7.12 -1.78 12.79
C LEU A 884 -6.57 -3.19 13.00
N SER A 885 -7.09 -3.87 14.02
CA SER A 885 -6.59 -5.19 14.40
C SER A 885 -7.70 -6.10 14.92
N CYS A 886 -8.64 -5.53 15.65
CA CYS A 886 -9.79 -6.28 16.17
C CYS A 886 -10.63 -6.79 15.01
N SER A 887 -11.22 -7.98 15.16
CA SER A 887 -11.95 -8.60 14.06
C SER A 887 -13.29 -7.93 13.77
N LYS A 888 -13.49 -6.72 14.28
CA LYS A 888 -14.59 -5.86 13.83
C LYS A 888 -14.29 -4.40 14.20
N ASP A 889 -13.01 -4.03 14.12
CA ASP A 889 -12.63 -2.63 14.07
C ASP A 889 -13.14 -2.09 12.73
N ILE A 890 -13.34 -3.01 11.80
CA ILE A 890 -13.92 -2.71 10.49
C ILE A 890 -15.42 -2.41 10.60
N GLN A 891 -15.98 -2.66 11.79
CA GLN A 891 -17.41 -2.42 12.02
C GLN A 891 -17.77 -0.97 11.79
N TYR A 892 -16.91 -0.07 12.25
CA TYR A 892 -17.13 1.36 12.12
C TYR A 892 -17.35 1.73 10.65
N LEU A 893 -16.58 1.10 9.77
CA LEU A 893 -16.64 1.40 8.35
C LEU A 893 -17.94 0.91 7.74
N LYS A 894 -18.42 -0.24 8.20
CA LYS A 894 -19.68 -0.80 7.70
C LYS A 894 -20.85 0.06 8.17
N ASP A 895 -20.70 0.67 9.35
CA ASP A 895 -21.74 1.53 9.90
C ASP A 895 -21.79 2.87 9.19
N SER A 896 -20.64 3.52 9.06
N SER A 896 -20.64 3.51 9.07
CA SER A 896 -20.55 4.82 8.42
CA SER A 896 -20.54 4.82 8.42
C SER A 896 -21.03 4.76 6.97
C SER A 896 -21.02 4.76 6.98
N LEU A 897 -20.88 3.60 6.35
CA LEU A 897 -21.30 3.41 4.96
C LEU A 897 -22.70 2.81 4.86
N ALA A 898 -23.23 2.30 5.98
CA ALA A 898 -24.57 1.72 6.00
C ALA A 898 -24.72 0.64 4.92
N LEU A 899 -23.86 -0.37 4.96
CA LEU A 899 -23.76 -1.33 3.87
C LEU A 899 -24.77 -2.47 3.94
N GLY A 900 -25.29 -2.73 5.13
CA GLY A 900 -26.35 -3.72 5.29
C GLY A 900 -27.70 -3.07 5.01
N LYS A 901 -27.76 -2.29 3.93
CA LYS A 901 -28.88 -1.39 3.70
C LYS A 901 -28.82 -0.79 2.30
N THR A 902 -29.95 -0.25 1.83
CA THR A 902 -30.03 0.34 0.49
C THR A 902 -29.83 1.86 0.50
N GLU A 903 -29.86 2.46 -0.68
CA GLU A 903 -29.42 3.83 -0.88
C GLU A 903 -30.39 4.90 -0.35
N GLU A 904 -31.65 4.82 -0.77
CA GLU A 904 -32.61 5.90 -0.55
C GLU A 904 -32.75 6.32 0.91
N GLU A 905 -32.62 5.38 1.84
CA GLU A 905 -32.83 5.67 3.25
C GLU A 905 -31.49 5.77 4.00
N ALA A 906 -30.40 5.41 3.33
CA ALA A 906 -29.07 5.63 3.88
C ALA A 906 -28.73 7.10 3.71
N LEU A 907 -29.34 7.71 2.70
CA LEU A 907 -29.26 9.15 2.50
C LEU A 907 -30.33 9.87 3.31
N LYS A 908 -30.94 9.14 4.26
CA LYS A 908 -31.85 9.71 5.23
C LYS A 908 -31.13 9.78 6.57
N HIS A 909 -30.38 8.72 6.86
CA HIS A 909 -29.59 8.64 8.08
C HIS A 909 -28.37 9.54 7.97
N PHE A 910 -27.81 9.62 6.78
CA PHE A 910 -26.65 10.48 6.52
C PHE A 910 -27.01 11.94 6.77
N ARG A 911 -28.29 12.27 6.61
CA ARG A 911 -28.76 13.65 6.75
C ARG A 911 -28.66 14.14 8.19
N VAL A 912 -29.07 13.30 9.14
CA VAL A 912 -29.13 13.71 10.54
C VAL A 912 -27.75 14.14 11.04
N LYS A 913 -26.74 13.32 10.76
CA LYS A 913 -25.38 13.60 11.21
C LYS A 913 -24.85 14.88 10.59
N PHE A 914 -25.26 15.16 9.35
CA PHE A 914 -24.90 16.40 8.68
C PHE A 914 -25.50 17.58 9.43
N ASN A 915 -26.73 17.40 9.91
CA ASN A 915 -27.41 18.44 10.66
C ASN A 915 -26.85 18.55 12.08
N GLU A 916 -26.30 17.44 12.58
CA GLU A 916 -25.64 17.44 13.87
C GLU A 916 -24.36 18.26 13.80
N ALA A 917 -23.56 17.99 12.78
CA ALA A 917 -22.27 18.67 12.59
C ALA A 917 -22.48 20.13 12.22
N LEU A 918 -23.62 20.44 11.63
CA LEU A 918 -23.89 21.80 11.15
C LEU A 918 -24.00 22.81 12.29
N ARG A 919 -24.90 22.53 13.24
CA ARG A 919 -25.18 23.45 14.34
C ARG A 919 -23.93 23.84 15.11
C10 77C B . 6.12 22.90 8.09
C13 77C B . 2.60 21.24 7.85
C15 77C B . 1.80 21.30 9.13
C20 77C B . 3.56 24.68 8.95
C21 77C B . 2.46 19.85 5.76
C22 77C B . 2.29 18.60 5.15
C01 77C B . 8.98 20.37 8.48
C02 77C B . 8.27 19.19 8.48
C03 77C B . 6.88 19.25 8.35
C04 77C B . 6.20 20.46 8.22
C05 77C B . 6.92 21.66 8.22
C06 77C B . 8.33 21.60 8.35
N07 77C B . 4.81 20.40 8.09
C08 77C B . 4.11 21.48 7.97
N09 77C B . 4.72 22.75 7.96
O11 77C B . 6.66 24.01 8.07
C12 77C B . 3.99 23.96 7.82
N14 77C B . 2.39 19.97 7.15
C16 77C B . 3.67 24.46 6.57
N17 77C B . 2.98 25.60 6.36
C18 77C B . 2.59 26.27 7.47
C19 77C B . 2.86 25.86 8.76
C23 77C B . 2.37 18.56 3.76
N24 77C B . 2.60 19.67 3.03
C25 77C B . 2.75 20.84 3.67
N26 77C B . 2.69 20.96 5.01
N27 77C B . 2.99 21.98 2.94
N28 77C B . 2.22 17.36 3.07
C29 77C B . 2.04 17.41 5.90
N30 77C B . 1.85 16.44 6.51
CL3 77C B . 9.37 22.99 8.38
F32 77C B . 6.20 18.10 8.35
C33 77C B . 2.19 20.41 10.29
C34 77C B . 2.38 21.90 10.40
H131 77C B . 2.25 22.05 7.20
H151 77C B . 0.75 21.49 8.96
H201 77C B . 3.79 24.32 9.95
H011 77C B . 10.07 20.33 8.58
H021 77C B . 8.77 18.23 8.58
H141 77C B . 2.18 19.14 7.69
H161 77C B . 3.98 23.95 5.66
H181 77C B . 2.04 27.19 7.28
H191 77C B . 2.51 26.44 9.62
H272 77C B . 2.21 22.53 2.61
H271 77C B . 3.94 22.25 2.73
H281 77C B . 3.01 16.99 2.55
H282 77C B . 1.34 16.86 3.06
H331 77C B . 3.07 19.80 10.18
H332 77C B . 1.40 19.97 10.88
H342 77C B . 1.70 22.45 11.04
H341 77C B . 3.40 22.27 10.38
#